data_2HDK
#
_entry.id   2HDK
#
_cell.length_a   59.480
_cell.length_b   112.187
_cell.length_c   60.265
_cell.angle_alpha   90.00
_cell.angle_beta   96.16
_cell.angle_gamma   90.00
#
_symmetry.space_group_name_H-M   'P 1 21 1'
#
loop_
_entity.id
_entity.type
_entity.pdbx_description
1 polymer 'Branched-chain-amino-acid aminotransferase, mitochondrial'
2 non-polymer "PYRIDOXAL-5'-PHOSPHATE"
3 non-polymer 'ACETIC ACID'
4 non-polymer '2-OXO-4-METHYLPENTANOIC ACID'
5 water water
#
_entity_poly.entity_id   1
_entity_poly.type   'polypeptide(L)'
_entity_poly.pdbx_seq_one_letter_code
;ASSSFKAADLQLEMTQKPHKKPGPGEPLVFGKTFTDHMLMVEWNDKGWGQPRIQPFQNLTLHPASSSLHYSLQLFEGMKA
FKGKDQQVRLFRPWLNMDRMLRSAMRLCLPSFDKLELLECIRRLIEVDKDWVPDAAGTSLYVRPVLIGNEPSLGVSQPRR
ALLFVILCPVGAYFPGGSVTPVSLLADPAFIRAWVGGVGNYKLGGNYGPTVLVQQEALKRGCEQVLWLYGPDHQLTEVGT
MNIFVYWTHEDGVLELVTPPLNGVILPGVVRQSLLDMAQTWGEFRVVERTITMKQLLRALEEGRVREVFGSGTAAQVAPV
HRILYKDRNLHIPTMENGPELILRFQKELKEIQYGIRAHEWMFPV
;
_entity_poly.pdbx_strand_id   A,B
#
loop_
_chem_comp.id
_chem_comp.type
_chem_comp.name
_chem_comp.formula
ACY non-polymer 'ACETIC ACID' 'C2 H4 O2'
COI non-polymer '2-OXO-4-METHYLPENTANOIC ACID' 'C6 H10 O3'
PLP non-polymer PYRIDOXAL-5'-PHOSPHATE 'C8 H10 N O6 P'
#
# COMPACT_ATOMS: atom_id res chain seq x y z
N SER A 3 21.12 8.23 14.46
CA SER A 3 22.41 8.13 13.72
C SER A 3 22.45 6.94 12.77
N SER A 4 23.11 7.18 11.62
CA SER A 4 23.26 6.25 10.51
C SER A 4 24.37 5.20 10.55
N PHE A 5 24.19 4.16 9.72
CA PHE A 5 25.21 3.15 9.55
C PHE A 5 26.35 3.76 8.71
N LYS A 6 27.53 3.15 8.78
CA LYS A 6 28.68 3.63 8.04
C LYS A 6 29.20 2.54 7.10
N ALA A 7 29.57 2.91 5.88
CA ALA A 7 30.09 1.96 4.90
C ALA A 7 31.42 1.38 5.36
N ALA A 8 32.13 2.17 6.17
CA ALA A 8 33.42 1.79 6.73
C ALA A 8 33.24 0.58 7.65
N ASP A 9 32.01 0.38 8.11
CA ASP A 9 31.73 -0.75 8.97
C ASP A 9 31.28 -1.96 8.18
N LEU A 10 31.45 -1.92 6.86
CA LEU A 10 30.99 -3.04 6.01
C LEU A 10 31.56 -4.43 6.25
N GLN A 11 30.68 -5.38 6.45
CA GLN A 11 31.10 -6.75 6.67
C GLN A 11 30.86 -7.54 5.37
N LEU A 12 31.84 -8.30 4.93
CA LEU A 12 31.67 -9.07 3.72
C LEU A 12 31.61 -10.58 4.00
N GLU A 13 30.77 -11.27 3.23
CA GLU A 13 30.58 -12.70 3.34
C GLU A 13 30.23 -13.10 1.90
N MET A 14 31.22 -13.66 1.21
CA MET A 14 31.09 -14.08 -0.18
C MET A 14 30.34 -15.34 -0.35
N THR A 15 29.81 -15.55 -1.53
CA THR A 15 29.09 -16.75 -1.79
C THR A 15 30.05 -17.92 -1.99
N GLN A 16 29.61 -19.07 -1.53
CA GLN A 16 30.35 -20.33 -1.64
C GLN A 16 29.78 -21.07 -2.86
N LYS A 17 28.57 -20.68 -3.27
CA LYS A 17 27.89 -21.26 -4.41
C LYS A 17 27.41 -20.14 -5.37
N PRO A 18 28.22 -19.79 -6.39
CA PRO A 18 27.80 -18.73 -7.32
C PRO A 18 26.74 -19.25 -8.27
N HIS A 19 25.83 -18.39 -8.76
CA HIS A 19 24.81 -18.81 -9.73
C HIS A 19 25.48 -18.74 -11.10
N LYS A 20 24.84 -19.35 -12.10
CA LYS A 20 25.37 -19.27 -13.46
C LYS A 20 24.78 -17.99 -14.10
N LYS A 21 25.64 -17.28 -14.82
CA LYS A 21 25.28 -16.05 -15.53
C LYS A 21 24.71 -16.45 -16.93
N PRO A 22 23.74 -15.67 -17.50
CA PRO A 22 23.09 -15.89 -18.81
C PRO A 22 23.51 -17.02 -19.78
N GLY A 23 22.79 -18.14 -19.59
CA GLY A 23 22.91 -19.39 -20.32
C GLY A 23 22.04 -20.40 -19.53
N PRO A 24 21.19 -21.29 -20.13
CA PRO A 24 20.81 -21.65 -21.52
C PRO A 24 20.12 -20.57 -22.39
N GLY A 25 20.38 -19.30 -22.05
CA GLY A 25 19.76 -18.23 -22.82
C GLY A 25 20.21 -16.79 -22.64
N GLU A 26 20.32 -16.13 -23.79
CA GLU A 26 20.68 -14.74 -23.91
C GLU A 26 19.52 -13.77 -23.48
N PRO A 27 18.22 -14.23 -23.47
CA PRO A 27 17.14 -13.32 -23.04
C PRO A 27 17.11 -12.87 -21.56
N LEU A 28 17.18 -11.54 -21.37
CA LEU A 28 17.08 -10.96 -20.02
C LEU A 28 15.74 -10.23 -19.88
N VAL A 29 14.79 -10.93 -19.24
CA VAL A 29 13.45 -10.43 -18.93
C VAL A 29 13.64 -9.48 -17.72
N PHE A 30 12.94 -8.34 -17.72
CA PHE A 30 13.03 -7.37 -16.65
C PHE A 30 12.75 -7.91 -15.25
N GLY A 31 13.73 -7.76 -14.38
CA GLY A 31 13.60 -8.17 -13.01
C GLY A 31 13.38 -9.61 -12.63
N LYS A 32 13.83 -10.54 -13.48
CA LYS A 32 13.70 -11.97 -13.19
C LYS A 32 14.98 -12.77 -12.85
N THR A 33 16.13 -12.15 -13.05
CA THR A 33 17.40 -12.83 -12.84
C THR A 33 18.16 -12.07 -11.79
N PHE A 34 18.63 -12.73 -10.75
CA PHE A 34 19.34 -11.98 -9.71
C PHE A 34 20.80 -12.33 -9.57
N THR A 35 21.56 -11.35 -9.11
CA THR A 35 23.00 -11.52 -8.94
C THR A 35 23.33 -12.33 -7.72
N ASP A 36 24.62 -12.45 -7.43
CA ASP A 36 25.09 -13.28 -6.31
C ASP A 36 24.96 -12.72 -4.92
N HIS A 37 25.14 -11.42 -4.76
CA HIS A 37 25.11 -10.84 -3.45
C HIS A 37 23.99 -9.81 -3.23
N MET A 38 23.72 -9.46 -1.97
CA MET A 38 22.69 -8.47 -1.62
C MET A 38 23.20 -7.64 -0.44
N LEU A 39 22.69 -6.42 -0.30
CA LEU A 39 23.09 -5.58 0.85
C LEU A 39 22.00 -5.78 1.92
N MET A 40 22.40 -5.81 3.18
CA MET A 40 21.43 -5.99 4.25
C MET A 40 21.85 -5.17 5.45
N VAL A 41 20.93 -4.34 5.94
CA VAL A 41 21.13 -3.48 7.11
C VAL A 41 19.86 -3.50 7.98
N GLU A 42 20.03 -3.87 9.26
CA GLU A 42 18.93 -3.95 10.22
C GLU A 42 18.90 -2.73 11.12
N TRP A 43 17.71 -2.35 11.56
CA TRP A 43 17.53 -1.22 12.47
C TRP A 43 16.59 -1.65 13.60
N ASN A 44 16.87 -1.14 14.81
CA ASN A 44 16.06 -1.33 16.05
C ASN A 44 16.15 -0.16 17.04
N ASP A 45 16.06 -0.43 18.35
CA ASP A 45 16.15 0.65 19.39
C ASP A 45 17.56 1.20 19.59
N LYS A 46 18.55 0.32 19.54
CA LYS A 46 19.94 0.78 19.63
C LYS A 46 20.39 1.34 18.25
N GLY A 47 19.42 1.65 17.37
CA GLY A 47 19.71 2.21 16.06
C GLY A 47 20.07 1.22 14.97
N TRP A 48 20.84 1.68 13.99
CA TRP A 48 21.28 0.84 12.89
C TRP A 48 22.37 -0.12 13.28
N GLY A 49 22.32 -1.29 12.65
CA GLY A 49 23.32 -2.30 12.87
C GLY A 49 24.42 -2.08 11.87
N GLN A 50 25.25 -3.08 11.71
CA GLN A 50 26.37 -3.02 10.79
C GLN A 50 25.90 -3.50 9.43
N PRO A 51 26.22 -2.75 8.36
CA PRO A 51 25.81 -3.19 7.01
C PRO A 51 26.61 -4.41 6.52
N ARG A 52 25.94 -5.39 5.94
CA ARG A 52 26.66 -6.51 5.38
C ARG A 52 26.26 -6.83 3.93
N ILE A 53 27.25 -7.25 3.14
CA ILE A 53 27.08 -7.73 1.79
C ILE A 53 27.23 -9.20 2.13
N GLN A 54 26.25 -9.99 1.71
CA GLN A 54 26.18 -11.40 2.02
C GLN A 54 25.60 -12.06 0.79
N PRO A 55 25.60 -13.43 0.72
CA PRO A 55 25.02 -14.04 -0.49
C PRO A 55 23.53 -13.83 -0.55
N PHE A 56 23.04 -13.85 -1.78
CA PHE A 56 21.63 -13.69 -2.09
C PHE A 56 20.93 -14.85 -1.43
N GLN A 57 20.01 -14.52 -0.53
CA GLN A 57 19.24 -15.51 0.22
C GLN A 57 17.84 -15.02 0.53
N ASN A 58 17.01 -15.95 1.06
CA ASN A 58 15.63 -15.60 1.40
C ASN A 58 15.57 -14.84 2.70
N LEU A 59 14.56 -14.00 2.83
CA LEU A 59 14.35 -13.23 4.06
C LEU A 59 13.47 -14.07 4.98
N THR A 60 13.80 -13.99 6.28
CA THR A 60 13.09 -14.68 7.34
C THR A 60 12.25 -13.59 8.06
N LEU A 61 10.92 -13.63 7.87
CA LEU A 61 10.07 -12.66 8.51
C LEU A 61 9.04 -13.27 9.41
N HIS A 62 8.78 -12.56 10.50
CA HIS A 62 7.77 -12.95 11.48
C HIS A 62 6.42 -12.71 10.79
N PRO A 63 5.44 -13.63 10.91
CA PRO A 63 4.12 -13.50 10.28
C PRO A 63 3.39 -12.21 10.60
N ALA A 64 3.78 -11.53 11.66
CA ALA A 64 3.11 -10.30 12.04
C ALA A 64 3.85 -9.06 11.62
N SER A 65 4.92 -9.23 10.84
CA SER A 65 5.73 -8.12 10.32
C SER A 65 4.85 -7.01 9.70
N SER A 66 5.08 -5.77 10.14
CA SER A 66 4.24 -4.67 9.68
C SER A 66 4.34 -4.38 8.18
N SER A 67 5.38 -4.91 7.54
CA SER A 67 5.56 -4.72 6.09
C SER A 67 4.51 -5.47 5.28
N LEU A 68 4.00 -6.55 5.87
CA LEU A 68 3.06 -7.48 5.30
C LEU A 68 1.58 -7.21 5.60
N HIS A 69 1.33 -6.43 6.64
CA HIS A 69 -0.03 -6.15 7.05
C HIS A 69 -0.44 -4.73 6.70
N TYR A 70 0.47 -3.80 7.03
CA TYR A 70 0.23 -2.38 6.84
C TYR A 70 1.05 -1.67 5.81
N SER A 71 1.71 -2.42 4.92
CA SER A 71 2.46 -1.83 3.81
C SER A 71 3.50 -0.77 4.14
N LEU A 72 4.27 -1.03 5.18
CA LEU A 72 5.34 -0.13 5.53
C LEU A 72 6.51 -0.58 4.65
N GLN A 73 6.48 -0.11 3.42
CA GLN A 73 7.42 -0.53 2.42
C GLN A 73 7.57 0.54 1.37
N LEU A 74 8.81 0.73 0.94
CA LEU A 74 9.17 1.66 -0.12
C LEU A 74 10.32 1.06 -0.92
N PHE A 75 10.52 1.59 -2.11
CA PHE A 75 11.55 1.09 -2.97
C PHE A 75 12.09 2.19 -3.83
N GLU A 76 13.25 1.90 -4.45
CA GLU A 76 13.87 2.78 -5.37
C GLU A 76 14.25 1.98 -6.55
N GLY A 77 14.75 2.65 -7.59
CA GLY A 77 15.13 1.98 -8.82
C GLY A 77 16.02 2.84 -9.67
N MET A 78 17.23 2.34 -9.89
CA MET A 78 18.22 3.06 -10.67
C MET A 78 19.06 2.05 -11.46
N LYS A 79 19.78 2.57 -12.44
CA LYS A 79 20.64 1.76 -13.28
C LYS A 79 22.12 2.07 -13.25
N ALA A 80 22.88 1.02 -13.44
CA ALA A 80 24.34 1.10 -13.50
C ALA A 80 24.64 0.63 -14.94
N PHE A 81 25.59 1.30 -15.59
CA PHE A 81 25.91 0.98 -16.97
C PHE A 81 27.37 0.67 -17.17
N LYS A 82 27.69 -0.33 -18.00
CA LYS A 82 29.07 -0.65 -18.30
C LYS A 82 29.36 -0.08 -19.70
N GLY A 83 30.35 0.80 -19.77
CA GLY A 83 30.75 1.41 -21.02
C GLY A 83 31.82 0.61 -21.73
N LYS A 84 32.21 1.05 -22.93
CA LYS A 84 33.24 0.37 -23.73
C LYS A 84 34.58 0.24 -23.02
N ASP A 85 34.90 1.25 -22.21
CA ASP A 85 36.14 1.32 -21.44
C ASP A 85 36.07 0.46 -20.16
N GLN A 86 35.08 -0.46 -20.11
CA GLN A 86 34.83 -1.40 -18.99
C GLN A 86 34.52 -0.78 -17.59
N GLN A 87 34.35 0.54 -17.51
CA GLN A 87 34.00 1.24 -16.26
C GLN A 87 32.46 1.26 -16.02
N VAL A 88 32.07 0.77 -14.86
CA VAL A 88 30.66 0.74 -14.48
C VAL A 88 30.34 2.04 -13.77
N ARG A 89 29.30 2.71 -14.28
CA ARG A 89 28.81 3.98 -13.74
C ARG A 89 27.32 3.97 -13.43
N LEU A 90 26.93 4.76 -12.44
CA LEU A 90 25.54 4.93 -12.02
C LEU A 90 25.02 6.26 -12.50
N PHE A 91 23.76 6.27 -12.91
CA PHE A 91 23.10 7.48 -13.41
C PHE A 91 22.41 8.25 -12.27
N ARG A 92 22.87 9.47 -12.04
CA ARG A 92 22.36 10.42 -11.02
C ARG A 92 21.82 9.75 -9.74
N PRO A 93 22.61 8.89 -9.13
CA PRO A 93 22.10 8.23 -7.94
C PRO A 93 21.78 9.10 -6.72
N TRP A 94 22.31 10.32 -6.68
CA TRP A 94 22.05 11.21 -5.57
C TRP A 94 20.56 11.55 -5.51
N LEU A 95 19.94 11.77 -6.67
CA LEU A 95 18.50 12.06 -6.75
C LEU A 95 17.63 10.93 -6.15
N ASN A 96 18.02 9.68 -6.41
CA ASN A 96 17.34 8.51 -5.87
C ASN A 96 17.52 8.45 -4.34
N MET A 97 18.73 8.77 -3.87
CA MET A 97 19.02 8.78 -2.45
C MET A 97 18.12 9.82 -1.75
N ASP A 98 17.88 10.97 -2.38
CA ASP A 98 16.99 11.96 -1.79
C ASP A 98 15.51 11.49 -1.78
N ARG A 99 15.09 10.81 -2.84
CA ARG A 99 13.75 10.34 -2.98
C ARG A 99 13.40 9.25 -1.99
N MET A 100 14.38 8.38 -1.73
CA MET A 100 14.23 7.29 -0.78
C MET A 100 14.10 7.81 0.65
N LEU A 101 14.95 8.79 1.00
CA LEU A 101 14.90 9.43 2.32
C LEU A 101 13.51 10.08 2.56
N ARG A 102 13.03 10.80 1.55
CA ARG A 102 11.72 11.44 1.62
C ARG A 102 10.54 10.42 1.83
N SER A 103 10.65 9.25 1.17
CA SER A 103 9.67 8.17 1.23
C SER A 103 9.73 7.53 2.62
N ALA A 104 10.93 7.37 3.18
CA ALA A 104 11.13 6.79 4.52
C ALA A 104 10.47 7.65 5.58
N MET A 105 10.68 8.96 5.45
CA MET A 105 10.12 9.93 6.37
C MET A 105 8.62 9.98 6.36
N ARG A 106 7.99 9.82 5.19
CA ARG A 106 6.56 9.85 5.08
C ARG A 106 5.92 8.60 5.75
N LEU A 107 6.66 7.49 5.78
CA LEU A 107 6.17 6.25 6.38
C LEU A 107 6.68 6.02 7.81
N CYS A 108 7.41 7.01 8.37
CA CYS A 108 8.02 6.93 9.71
C CYS A 108 9.00 5.78 9.84
N LEU A 109 9.73 5.52 8.77
CA LEU A 109 10.77 4.51 8.75
C LEU A 109 12.07 5.25 9.13
N PRO A 110 13.07 4.54 9.65
CA PRO A 110 14.30 5.25 10.02
C PRO A 110 15.14 5.94 8.97
N SER A 111 15.67 7.10 9.34
CA SER A 111 16.58 7.88 8.50
C SER A 111 17.90 7.11 8.36
N PHE A 112 18.68 7.47 7.34
CA PHE A 112 20.02 6.91 7.07
C PHE A 112 20.82 8.03 6.39
N ASP A 113 22.11 7.85 6.18
CA ASP A 113 22.91 8.89 5.54
C ASP A 113 22.95 8.53 4.06
N LYS A 114 22.50 9.44 3.22
CA LYS A 114 22.44 9.24 1.78
C LYS A 114 23.76 8.84 1.14
N LEU A 115 24.83 9.48 1.58
CA LEU A 115 26.13 9.17 1.01
C LEU A 115 26.68 7.84 1.46
N GLU A 116 26.34 7.42 2.67
CA GLU A 116 26.78 6.15 3.21
C GLU A 116 26.07 5.01 2.53
N LEU A 117 24.77 5.19 2.25
CA LEU A 117 24.01 4.15 1.55
C LEU A 117 24.56 4.00 0.11
N LEU A 118 24.84 5.13 -0.52
CA LEU A 118 25.36 5.16 -1.88
C LEU A 118 26.71 4.42 -1.96
N GLU A 119 27.55 4.66 -0.95
CA GLU A 119 28.86 4.00 -0.85
C GLU A 119 28.70 2.49 -0.67
N CYS A 120 27.75 2.06 0.16
CA CYS A 120 27.47 0.65 0.33
C CYS A 120 26.91 0.04 -0.94
N ILE A 121 26.12 0.82 -1.70
CA ILE A 121 25.53 0.31 -2.95
C ILE A 121 26.66 0.17 -3.94
N ARG A 122 27.53 1.18 -4.00
CA ARG A 122 28.73 1.14 -4.87
C ARG A 122 29.58 -0.16 -4.60
N ARG A 123 29.84 -0.45 -3.30
CA ARG A 123 30.58 -1.65 -2.88
C ARG A 123 29.89 -2.95 -3.37
N LEU A 124 28.56 -3.03 -3.26
CA LEU A 124 27.79 -4.19 -3.72
C LEU A 124 27.91 -4.38 -5.23
N ILE A 125 27.80 -3.28 -5.98
CA ILE A 125 27.95 -3.41 -7.45
C ILE A 125 29.42 -3.82 -7.78
N GLU A 126 30.40 -3.33 -7.01
CA GLU A 126 31.81 -3.67 -7.24
C GLU A 126 32.03 -5.18 -7.07
N VAL A 127 31.40 -5.76 -6.05
CA VAL A 127 31.49 -7.21 -5.80
C VAL A 127 30.79 -8.07 -6.91
N ASP A 128 29.71 -7.53 -7.47
CA ASP A 128 28.97 -8.19 -8.51
C ASP A 128 29.19 -7.55 -9.88
N LYS A 129 30.32 -6.84 -10.05
CA LYS A 129 30.71 -6.15 -11.30
C LYS A 129 30.62 -7.04 -12.53
N ASP A 130 30.95 -8.32 -12.41
CA ASP A 130 30.89 -9.26 -13.52
C ASP A 130 29.48 -9.50 -14.05
N TRP A 131 28.47 -9.18 -13.25
CA TRP A 131 27.10 -9.35 -13.72
C TRP A 131 26.57 -8.20 -14.53
N VAL A 132 27.27 -7.07 -14.58
CA VAL A 132 26.80 -5.92 -15.35
C VAL A 132 27.02 -6.26 -16.81
N PRO A 133 25.94 -6.45 -17.61
CA PRO A 133 26.14 -6.79 -19.03
C PRO A 133 26.77 -5.66 -19.82
N ASP A 134 27.39 -5.98 -20.95
CA ASP A 134 28.01 -4.93 -21.74
C ASP A 134 27.39 -4.75 -23.10
N ALA A 135 26.47 -5.63 -23.47
CA ALA A 135 25.78 -5.54 -24.75
C ALA A 135 25.00 -4.21 -24.89
N ALA A 136 24.63 -3.88 -26.11
CA ALA A 136 23.91 -2.65 -26.42
C ALA A 136 22.53 -2.53 -25.79
N GLY A 137 22.32 -1.44 -25.03
CA GLY A 137 21.03 -1.20 -24.39
C GLY A 137 20.76 -1.91 -23.07
N THR A 138 21.69 -2.73 -22.62
CA THR A 138 21.57 -3.47 -21.36
C THR A 138 22.15 -2.70 -20.18
N SER A 139 21.75 -3.07 -18.97
CA SER A 139 22.20 -2.40 -17.75
C SER A 139 21.96 -3.28 -16.54
N LEU A 140 22.42 -2.80 -15.38
CA LEU A 140 22.20 -3.50 -14.13
C LEU A 140 21.13 -2.67 -13.38
N TYR A 141 19.99 -3.31 -13.07
CA TYR A 141 18.92 -2.61 -12.34
C TYR A 141 19.17 -2.82 -10.86
N VAL A 142 19.19 -1.70 -10.12
CA VAL A 142 19.48 -1.71 -8.67
C VAL A 142 18.18 -1.41 -7.94
N ARG A 143 17.85 -2.32 -7.01
CA ARG A 143 16.62 -2.22 -6.26
C ARG A 143 16.74 -2.13 -4.71
N PRO A 144 16.83 -0.90 -4.15
CA PRO A 144 16.92 -0.68 -2.71
C PRO A 144 15.46 -0.73 -2.18
N VAL A 145 15.27 -1.40 -1.05
CA VAL A 145 13.98 -1.52 -0.41
C VAL A 145 14.14 -1.28 1.07
N LEU A 146 13.16 -0.60 1.66
CA LEU A 146 13.14 -0.37 3.10
C LEU A 146 11.77 -0.72 3.61
N ILE A 147 11.76 -1.65 4.54
CA ILE A 147 10.52 -2.13 5.15
C ILE A 147 10.48 -2.06 6.66
N GLY A 148 9.25 -1.92 7.17
CA GLY A 148 9.01 -1.95 8.62
C GLY A 148 8.99 -3.41 9.00
N ASN A 149 9.51 -3.77 10.17
CA ASN A 149 9.60 -5.17 10.57
C ASN A 149 9.22 -5.45 12.04
N GLU A 150 8.26 -4.67 12.54
CA GLU A 150 7.75 -4.78 13.89
C GLU A 150 6.84 -6.00 13.91
N PRO A 151 7.06 -6.94 14.86
CA PRO A 151 6.19 -8.13 14.91
C PRO A 151 4.94 -7.82 15.73
N SER A 152 4.13 -6.87 15.29
CA SER A 152 2.93 -6.44 16.00
C SER A 152 1.82 -6.05 15.06
N LEU A 153 0.58 -6.31 15.48
CA LEU A 153 -0.59 -5.97 14.67
C LEU A 153 -1.14 -4.56 14.92
N GLY A 154 -0.47 -3.81 15.78
CA GLY A 154 -0.87 -2.43 16.05
C GLY A 154 -0.36 -1.52 14.93
N VAL A 155 -1.21 -0.60 14.48
CA VAL A 155 -0.86 0.31 13.41
C VAL A 155 -0.15 1.47 14.06
N SER A 156 1.16 1.36 14.09
CA SER A 156 2.00 2.34 14.75
C SER A 156 3.39 2.41 14.12
N GLN A 157 4.21 3.33 14.63
CA GLN A 157 5.58 3.51 14.17
C GLN A 157 6.39 2.23 14.49
N PRO A 158 7.05 1.65 13.49
CA PRO A 158 7.80 0.45 13.78
C PRO A 158 9.10 0.69 14.55
N ARG A 159 9.41 -0.26 15.42
CA ARG A 159 10.63 -0.21 16.22
C ARG A 159 11.76 -1.07 15.60
N ARG A 160 11.42 -1.87 14.58
CA ARG A 160 12.36 -2.73 13.85
C ARG A 160 12.17 -2.40 12.36
N ALA A 161 13.25 -2.49 11.61
CA ALA A 161 13.25 -2.18 10.20
C ALA A 161 14.35 -2.95 9.48
N LEU A 162 14.19 -3.06 8.17
CA LEU A 162 15.15 -3.78 7.38
C LEU A 162 15.35 -3.08 6.05
N LEU A 163 16.58 -2.77 5.76
CA LEU A 163 16.95 -2.17 4.50
C LEU A 163 17.82 -3.18 3.75
N PHE A 164 17.34 -3.54 2.54
CA PHE A 164 18.04 -4.46 1.65
C PHE A 164 18.12 -3.92 0.18
N VAL A 165 19.18 -4.31 -0.54
CA VAL A 165 19.37 -3.91 -1.94
C VAL A 165 19.64 -5.16 -2.70
N ILE A 166 18.96 -5.38 -3.84
CA ILE A 166 19.17 -6.54 -4.74
C ILE A 166 19.44 -5.98 -6.16
N LEU A 167 20.13 -6.76 -6.96
CA LEU A 167 20.57 -6.33 -8.27
C LEU A 167 20.14 -7.31 -9.30
N CYS A 168 19.78 -6.80 -10.47
CA CYS A 168 19.41 -7.68 -11.54
C CYS A 168 19.75 -7.15 -12.95
N PRO A 169 20.43 -7.99 -13.79
CA PRO A 169 20.82 -7.64 -15.15
C PRO A 169 19.57 -7.52 -15.97
N VAL A 170 19.42 -6.41 -16.66
CA VAL A 170 18.24 -6.20 -17.43
C VAL A 170 18.61 -6.01 -18.89
N GLY A 171 17.78 -6.58 -19.78
CA GLY A 171 18.01 -6.42 -21.20
C GLY A 171 17.52 -5.08 -21.71
N ALA A 172 17.80 -4.83 -22.99
CA ALA A 172 17.39 -3.60 -23.68
C ALA A 172 15.90 -3.60 -23.72
N TYR A 173 15.31 -2.47 -23.32
CA TYR A 173 13.87 -2.32 -23.30
C TYR A 173 13.33 -2.46 -24.74
N PHE A 174 13.94 -1.77 -25.70
CA PHE A 174 13.53 -1.93 -27.08
C PHE A 174 14.52 -2.91 -27.78
N PRO A 175 14.10 -4.20 -27.96
CA PRO A 175 14.97 -5.19 -28.61
C PRO A 175 15.41 -4.77 -30.04
N GLY A 176 16.74 -4.77 -30.26
CA GLY A 176 17.31 -4.42 -31.54
C GLY A 176 17.47 -2.93 -31.73
N GLY A 177 17.24 -2.14 -30.65
CA GLY A 177 17.40 -0.69 -30.64
C GLY A 177 16.40 0.28 -31.30
N SER A 178 15.34 -0.27 -31.89
CA SER A 178 14.31 0.51 -32.58
C SER A 178 13.08 0.69 -31.68
N VAL A 179 12.78 1.97 -31.38
CA VAL A 179 11.65 2.33 -30.53
C VAL A 179 10.30 1.98 -31.08
N THR A 180 9.54 1.22 -30.29
CA THR A 180 8.21 0.79 -30.66
C THR A 180 7.21 1.48 -29.72
N PRO A 181 6.16 2.11 -30.26
CA PRO A 181 5.14 2.80 -29.45
C PRO A 181 4.15 1.93 -28.70
N VAL A 182 3.42 2.56 -27.76
CA VAL A 182 2.39 1.87 -26.96
C VAL A 182 1.09 2.63 -27.05
N SER A 183 0.00 1.92 -26.81
CA SER A 183 -1.31 2.54 -26.80
C SER A 183 -1.82 2.61 -25.33
N LEU A 184 -2.50 3.70 -25.02
CA LEU A 184 -3.00 3.98 -23.69
C LEU A 184 -4.50 4.04 -23.55
N LEU A 185 -4.98 3.46 -22.45
CA LEU A 185 -6.40 3.53 -22.09
C LEU A 185 -6.53 4.69 -21.06
N ALA A 186 -7.39 5.65 -21.41
CA ALA A 186 -7.65 6.81 -20.58
C ALA A 186 -9.09 6.72 -20.12
N ASP A 187 -9.28 6.23 -18.90
CA ASP A 187 -10.58 6.11 -18.31
C ASP A 187 -10.64 6.84 -16.94
N PRO A 188 -11.47 7.91 -16.81
CA PRO A 188 -11.57 8.66 -15.54
C PRO A 188 -12.03 7.95 -14.28
N ALA A 189 -12.65 6.77 -14.45
CA ALA A 189 -13.15 5.94 -13.35
C ALA A 189 -12.02 5.40 -12.45
N PHE A 190 -10.81 5.39 -13.00
CA PHE A 190 -9.59 4.92 -12.33
C PHE A 190 -8.67 6.04 -11.89
N ILE A 191 -8.40 6.08 -10.58
CA ILE A 191 -7.55 7.07 -9.97
C ILE A 191 -6.31 6.43 -9.28
N ARG A 192 -5.14 6.91 -9.66
CA ARG A 192 -3.88 6.41 -9.13
C ARG A 192 -3.53 7.00 -7.78
N ALA A 193 -3.65 8.32 -7.73
CA ALA A 193 -3.25 9.16 -6.62
C ALA A 193 -4.19 10.33 -6.46
N TRP A 194 -4.16 10.94 -5.28
CA TRP A 194 -4.99 12.09 -4.98
C TRP A 194 -4.22 13.20 -4.26
N VAL A 195 -4.65 14.47 -4.40
CA VAL A 195 -3.97 15.60 -3.74
C VAL A 195 -4.15 15.40 -2.23
N GLY A 196 -3.03 15.38 -1.53
CA GLY A 196 -3.06 15.17 -0.10
C GLY A 196 -2.84 13.70 0.21
N GLY A 197 -2.49 12.95 -0.85
CA GLY A 197 -2.23 11.51 -0.73
C GLY A 197 -0.74 11.22 -0.78
N VAL A 198 -0.40 10.04 -1.25
CA VAL A 198 0.98 9.59 -1.28
C VAL A 198 1.57 9.22 -2.65
N GLY A 199 0.87 9.58 -3.71
CA GLY A 199 1.31 9.31 -5.07
C GLY A 199 2.62 9.97 -5.57
N ASN A 200 3.14 10.89 -4.79
CA ASN A 200 4.37 11.56 -5.12
C ASN A 200 5.56 10.91 -4.38
N TYR A 201 5.31 9.73 -3.81
CA TYR A 201 6.36 8.99 -3.13
C TYR A 201 6.36 7.59 -3.72
N LYS A 202 7.53 6.95 -3.75
CA LYS A 202 7.66 5.63 -4.30
C LYS A 202 7.39 4.57 -3.24
N LEU A 203 6.12 4.41 -2.92
CA LEU A 203 5.71 3.47 -1.88
C LEU A 203 5.02 2.31 -2.47
N GLY A 204 5.27 1.13 -1.91
CA GLY A 204 4.66 -0.09 -2.42
C GLY A 204 3.15 -0.04 -2.62
N GLY A 205 2.48 0.65 -1.68
CA GLY A 205 1.03 0.78 -1.71
C GLY A 205 0.36 1.44 -2.89
N ASN A 206 1.11 2.20 -3.67
CA ASN A 206 0.57 2.88 -4.84
C ASN A 206 0.53 1.97 -6.10
N TYR A 207 1.29 0.86 -6.09
CA TYR A 207 1.39 -0.06 -7.23
C TYR A 207 0.45 -1.25 -7.29
N GLY A 208 0.22 -1.89 -6.14
CA GLY A 208 -0.72 -3.00 -6.05
C GLY A 208 -2.08 -2.70 -6.69
N PRO A 209 -2.73 -1.55 -6.40
CA PRO A 209 -4.05 -1.25 -7.01
C PRO A 209 -4.00 -1.06 -8.53
N THR A 210 -2.83 -0.80 -9.10
CA THR A 210 -2.74 -0.60 -10.56
C THR A 210 -2.78 -1.89 -11.44
N VAL A 211 -2.56 -3.05 -10.84
CA VAL A 211 -2.56 -4.32 -11.56
C VAL A 211 -3.88 -4.67 -12.29
N LEU A 212 -5.02 -4.48 -11.62
CA LEU A 212 -6.33 -4.74 -12.23
C LEU A 212 -6.62 -3.77 -13.36
N VAL A 213 -6.26 -2.51 -13.18
CA VAL A 213 -6.47 -1.48 -14.18
C VAL A 213 -5.65 -1.78 -15.43
N GLN A 214 -4.45 -2.31 -15.23
CA GLN A 214 -3.58 -2.72 -16.32
C GLN A 214 -4.20 -3.88 -17.13
N GLN A 215 -4.80 -4.84 -16.44
CA GLN A 215 -5.52 -5.96 -17.05
C GLN A 215 -6.74 -5.45 -17.86
N GLU A 216 -7.41 -4.44 -17.34
CA GLU A 216 -8.53 -3.86 -18.01
C GLU A 216 -8.11 -3.16 -19.30
N ALA A 217 -6.92 -2.58 -19.28
CA ALA A 217 -6.37 -1.92 -20.42
C ALA A 217 -6.07 -2.94 -21.51
N LEU A 218 -5.46 -4.06 -21.13
CA LEU A 218 -5.15 -5.15 -22.07
C LEU A 218 -6.37 -5.76 -22.71
N LYS A 219 -7.41 -5.95 -21.91
CA LYS A 219 -8.66 -6.49 -22.34
C LYS A 219 -9.16 -5.63 -23.52
N ARG A 220 -8.92 -4.33 -23.46
CA ARG A 220 -9.35 -3.39 -24.50
C ARG A 220 -8.29 -3.09 -25.56
N GLY A 221 -7.28 -3.94 -25.67
CA GLY A 221 -6.24 -3.72 -26.65
C GLY A 221 -5.25 -2.57 -26.40
N CYS A 222 -5.10 -2.13 -25.16
CA CYS A 222 -4.13 -1.09 -24.89
C CYS A 222 -3.06 -1.70 -24.02
N GLU A 223 -1.84 -1.21 -24.12
CA GLU A 223 -0.74 -1.77 -23.35
C GLU A 223 -0.56 -1.10 -22.01
N GLN A 224 -1.01 0.13 -21.89
CA GLN A 224 -0.85 0.87 -20.67
C GLN A 224 -2.03 1.73 -20.36
N VAL A 225 -1.97 2.40 -19.20
CA VAL A 225 -3.00 3.26 -18.68
C VAL A 225 -2.60 4.74 -18.69
N LEU A 226 -3.47 5.62 -19.20
CA LEU A 226 -3.21 7.04 -19.07
C LEU A 226 -4.02 7.50 -17.86
N TRP A 227 -3.31 7.86 -16.79
CA TRP A 227 -3.94 8.28 -15.57
C TRP A 227 -4.42 9.69 -15.60
N LEU A 228 -5.72 9.84 -15.45
CA LEU A 228 -6.39 11.12 -15.44
C LEU A 228 -6.75 11.52 -14.01
N TYR A 229 -6.74 12.82 -13.76
CA TYR A 229 -7.07 13.34 -12.45
C TYR A 229 -7.96 14.57 -12.55
N GLY A 230 -8.95 14.67 -11.67
CA GLY A 230 -9.83 15.83 -11.61
C GLY A 230 -10.98 15.85 -12.59
N PRO A 231 -11.93 16.81 -12.46
CA PRO A 231 -13.07 16.88 -13.38
C PRO A 231 -12.68 17.49 -14.73
N ASP A 232 -11.52 18.13 -14.74
CA ASP A 232 -10.96 18.71 -15.95
C ASP A 232 -10.05 17.69 -16.74
N HIS A 233 -10.03 16.43 -16.29
CA HIS A 233 -9.26 15.32 -16.87
C HIS A 233 -7.80 15.65 -17.24
N GLN A 234 -7.05 16.08 -16.24
CA GLN A 234 -5.64 16.39 -16.39
C GLN A 234 -4.87 15.10 -16.57
N LEU A 235 -3.90 15.15 -17.46
CA LEU A 235 -3.04 14.00 -17.78
C LEU A 235 -1.98 14.03 -16.70
N THR A 236 -1.71 12.88 -16.09
CA THR A 236 -0.70 12.84 -15.03
C THR A 236 0.46 11.94 -15.34
N GLU A 237 0.20 10.65 -15.51
CA GLU A 237 1.27 9.70 -15.80
C GLU A 237 0.78 8.70 -16.81
N VAL A 238 1.73 8.07 -17.46
CA VAL A 238 1.43 7.00 -18.43
C VAL A 238 2.01 5.73 -17.80
N GLY A 239 1.11 4.86 -17.37
CA GLY A 239 1.50 3.64 -16.69
C GLY A 239 2.14 4.12 -15.40
N THR A 240 3.38 3.73 -15.17
CA THR A 240 4.13 4.17 -14.03
C THR A 240 5.35 4.95 -14.52
N MET A 241 5.10 5.79 -15.55
CA MET A 241 6.11 6.68 -16.15
C MET A 241 5.51 8.09 -16.20
N ASN A 242 6.39 9.08 -16.19
CA ASN A 242 6.02 10.49 -16.32
C ASN A 242 5.64 10.79 -17.77
N ILE A 243 4.73 11.73 -17.99
CA ILE A 243 4.30 12.02 -19.38
C ILE A 243 4.80 13.34 -19.92
N PHE A 244 5.19 13.32 -21.20
CA PHE A 244 5.65 14.51 -21.92
C PHE A 244 4.90 14.69 -23.23
N VAL A 245 4.61 15.94 -23.59
CA VAL A 245 3.93 16.26 -24.85
C VAL A 245 4.76 17.33 -25.53
N TYR A 246 5.06 17.10 -26.80
CA TYR A 246 5.86 18.02 -27.62
C TYR A 246 4.88 18.53 -28.71
N TRP A 247 4.58 19.82 -28.61
CA TRP A 247 3.60 20.47 -29.46
C TRP A 247 3.86 21.97 -29.69
N THR A 248 2.98 22.60 -30.48
CA THR A 248 3.06 24.01 -30.65
C THR A 248 1.81 24.38 -29.84
N HIS A 249 1.99 25.17 -28.79
CA HIS A 249 0.90 25.57 -27.89
C HIS A 249 -0.11 26.51 -28.55
N GLU A 250 -1.26 26.73 -27.91
CA GLU A 250 -2.27 27.65 -28.50
C GLU A 250 -1.76 29.08 -28.86
N ASP A 251 -0.61 29.47 -28.30
CA ASP A 251 0.01 30.76 -28.59
C ASP A 251 1.02 30.76 -29.78
N GLY A 252 1.10 29.65 -30.52
CA GLY A 252 2.02 29.55 -31.63
C GLY A 252 3.47 29.16 -31.31
N VAL A 253 3.77 28.97 -30.03
CA VAL A 253 5.14 28.60 -29.67
C VAL A 253 5.38 27.07 -29.55
N LEU A 254 6.47 26.61 -30.16
CA LEU A 254 6.86 25.23 -30.08
C LEU A 254 7.43 25.02 -28.66
N GLU A 255 6.84 24.07 -27.93
CA GLU A 255 7.27 23.73 -26.56
C GLU A 255 7.19 22.27 -26.16
N LEU A 256 7.98 21.93 -25.13
CA LEU A 256 7.95 20.59 -24.52
C LEU A 256 7.34 20.90 -23.16
N VAL A 257 6.32 20.13 -22.80
CA VAL A 257 5.62 20.33 -21.55
C VAL A 257 5.43 19.02 -20.74
N THR A 258 5.29 19.17 -19.43
CA THR A 258 5.05 18.03 -18.58
C THR A 258 4.26 18.55 -17.37
N PRO A 259 3.34 17.73 -16.80
CA PRO A 259 2.57 18.20 -15.63
C PRO A 259 3.51 18.56 -14.48
N PRO A 260 3.19 19.63 -13.69
CA PRO A 260 3.96 20.11 -12.54
C PRO A 260 3.85 19.20 -11.36
N LEU A 261 4.76 19.33 -10.40
CA LEU A 261 4.78 18.47 -9.21
C LEU A 261 3.80 19.03 -8.24
N ASN A 262 2.53 18.73 -8.52
CA ASN A 262 1.37 19.20 -7.78
C ASN A 262 0.88 18.27 -6.65
N GLY A 263 1.65 17.22 -6.37
CA GLY A 263 1.23 16.27 -5.35
C GLY A 263 0.83 14.92 -5.91
N VAL A 264 0.47 14.78 -7.20
CA VAL A 264 0.06 13.46 -7.74
C VAL A 264 1.00 12.84 -8.75
N ILE A 265 2.10 13.52 -9.02
CA ILE A 265 3.13 13.09 -9.98
C ILE A 265 4.34 12.65 -9.16
N LEU A 266 4.91 11.49 -9.53
CA LEU A 266 6.14 10.96 -8.87
C LEU A 266 7.28 11.75 -9.49
N PRO A 267 8.16 12.36 -8.67
CA PRO A 267 9.29 13.14 -9.23
C PRO A 267 10.37 12.28 -9.85
N GLY A 268 10.14 11.93 -11.12
CA GLY A 268 11.06 11.09 -11.86
C GLY A 268 12.46 11.65 -12.06
N VAL A 269 13.46 10.78 -11.94
CA VAL A 269 14.83 11.19 -12.16
C VAL A 269 15.08 11.40 -13.66
N VAL A 270 14.43 10.61 -14.50
CA VAL A 270 14.58 10.76 -15.95
C VAL A 270 13.80 12.02 -16.36
N ARG A 271 12.62 12.22 -15.79
CA ARG A 271 11.81 13.43 -16.02
C ARG A 271 12.66 14.71 -15.79
N GLN A 272 13.32 14.80 -14.62
CA GLN A 272 14.18 15.91 -14.29
C GLN A 272 15.33 16.06 -15.32
N SER A 273 15.89 14.92 -15.75
CA SER A 273 17.01 14.90 -16.68
C SER A 273 16.62 15.40 -18.04
N LEU A 274 15.42 15.06 -18.50
CA LEU A 274 14.92 15.53 -19.79
C LEU A 274 14.68 17.04 -19.72
N LEU A 275 14.12 17.52 -18.60
CA LEU A 275 13.84 18.96 -18.43
C LEU A 275 15.11 19.77 -18.42
N ASP A 276 16.15 19.26 -17.73
CA ASP A 276 17.48 19.90 -17.64
C ASP A 276 18.18 19.95 -18.98
N MET A 277 18.19 18.83 -19.67
CA MET A 277 18.82 18.65 -20.96
C MET A 277 18.17 19.56 -22.03
N ALA A 278 16.84 19.59 -22.06
CA ALA A 278 16.11 20.42 -23.01
C ALA A 278 16.25 21.91 -22.70
N GLN A 279 16.34 22.24 -21.41
CA GLN A 279 16.55 23.64 -21.01
C GLN A 279 17.97 24.08 -21.48
N THR A 280 18.95 23.20 -21.37
CA THR A 280 20.33 23.49 -21.79
C THR A 280 20.44 23.78 -23.29
N TRP A 281 19.65 23.11 -24.11
CA TRP A 281 19.71 23.34 -25.56
C TRP A 281 19.26 24.73 -25.92
N GLY A 282 18.11 25.12 -25.40
CA GLY A 282 17.57 26.44 -25.68
C GLY A 282 17.04 26.60 -27.09
N GLU A 283 16.51 25.52 -27.66
CA GLU A 283 15.95 25.53 -29.00
C GLU A 283 14.45 25.73 -28.99
N PHE A 284 13.81 25.40 -27.86
CA PHE A 284 12.36 25.54 -27.73
C PHE A 284 11.98 25.78 -26.30
N ARG A 285 10.71 26.12 -26.08
CA ARG A 285 10.23 26.39 -24.74
C ARG A 285 10.02 25.10 -23.90
N VAL A 286 10.54 25.08 -22.68
CA VAL A 286 10.45 23.94 -21.78
C VAL A 286 9.69 24.40 -20.53
N VAL A 287 8.48 23.89 -20.31
CA VAL A 287 7.68 24.30 -19.16
C VAL A 287 7.03 23.18 -18.39
N GLU A 288 6.71 23.44 -17.12
CA GLU A 288 5.96 22.49 -16.29
C GLU A 288 4.56 23.09 -16.15
N ARG A 289 3.61 22.50 -16.85
CA ARG A 289 2.26 23.02 -16.85
C ARG A 289 1.18 21.93 -16.93
N THR A 290 0.03 22.19 -16.30
CA THR A 290 -1.13 21.28 -16.33
C THR A 290 -1.60 21.09 -17.77
N ILE A 291 -1.83 19.82 -18.15
CA ILE A 291 -2.33 19.43 -19.47
C ILE A 291 -3.67 18.74 -19.24
N THR A 292 -4.70 19.16 -19.98
CA THR A 292 -6.03 18.57 -19.85
C THR A 292 -6.32 17.86 -21.15
N MET A 293 -7.20 16.86 -21.08
CA MET A 293 -7.63 16.06 -22.24
C MET A 293 -8.22 16.91 -23.34
N LYS A 294 -8.92 17.98 -22.93
CA LYS A 294 -9.58 18.96 -23.78
C LYS A 294 -8.51 19.68 -24.63
N GLN A 295 -7.40 20.06 -23.98
CA GLN A 295 -6.30 20.73 -24.67
C GLN A 295 -5.63 19.80 -25.68
N LEU A 296 -5.51 18.54 -25.31
CA LEU A 296 -4.87 17.56 -26.16
C LEU A 296 -5.75 17.27 -27.37
N LEU A 297 -7.06 17.19 -27.15
CA LEU A 297 -8.02 16.93 -28.22
C LEU A 297 -8.09 18.09 -29.24
N ARG A 298 -8.02 19.33 -28.74
CA ARG A 298 -8.08 20.52 -29.56
C ARG A 298 -6.79 20.59 -30.40
N ALA A 299 -5.68 20.28 -29.71
CA ALA A 299 -4.34 20.31 -30.34
C ALA A 299 -4.15 19.25 -31.42
N LEU A 300 -4.76 18.08 -31.22
CA LEU A 300 -4.71 16.98 -32.18
C LEU A 300 -5.56 17.31 -33.43
N GLU A 301 -6.72 17.95 -33.19
CA GLU A 301 -7.67 18.38 -34.24
C GLU A 301 -7.06 19.48 -35.12
N GLU A 302 -6.14 20.24 -34.54
CA GLU A 302 -5.49 21.30 -35.26
C GLU A 302 -4.12 20.88 -35.79
N GLY A 303 -3.74 19.61 -35.57
CA GLY A 303 -2.46 19.10 -36.02
C GLY A 303 -1.24 19.74 -35.40
N ARG A 304 -1.41 20.28 -34.19
CA ARG A 304 -0.32 20.93 -33.46
C ARG A 304 0.57 19.97 -32.65
N VAL A 305 0.15 18.71 -32.48
CA VAL A 305 0.95 17.72 -31.70
C VAL A 305 1.98 16.98 -32.55
N ARG A 306 3.20 17.02 -32.09
CA ARG A 306 4.28 16.27 -32.73
C ARG A 306 4.55 14.91 -32.08
N GLU A 307 4.91 14.93 -30.78
CA GLU A 307 5.28 13.69 -30.07
C GLU A 307 4.77 13.58 -28.67
N VAL A 308 4.29 12.40 -28.31
CA VAL A 308 3.84 12.12 -26.95
C VAL A 308 4.65 10.91 -26.44
N PHE A 309 5.16 11.05 -25.21
CA PHE A 309 5.95 9.98 -24.62
C PHE A 309 5.97 9.82 -23.11
N GLY A 310 6.47 8.68 -22.69
CA GLY A 310 6.60 8.36 -21.29
C GLY A 310 8.05 8.33 -20.88
N SER A 311 8.35 8.62 -19.61
CA SER A 311 9.73 8.58 -19.13
C SER A 311 9.84 7.85 -17.79
N GLY A 312 10.96 7.15 -17.63
CA GLY A 312 11.20 6.34 -16.43
C GLY A 312 12.50 5.58 -16.64
N THR A 313 13.05 5.00 -15.58
CA THR A 313 14.30 4.30 -15.63
C THR A 313 14.28 3.08 -16.52
N ALA A 314 13.24 2.28 -16.39
CA ALA A 314 13.07 1.01 -17.14
C ALA A 314 13.04 1.17 -18.65
N ALA A 315 12.22 2.09 -19.12
CA ALA A 315 12.07 2.28 -20.54
C ALA A 315 12.89 3.36 -21.14
N GLN A 316 13.33 4.31 -20.32
CA GLN A 316 14.05 5.53 -20.72
C GLN A 316 13.04 6.48 -21.32
N VAL A 317 12.73 6.32 -22.61
CA VAL A 317 11.77 7.20 -23.31
C VAL A 317 10.84 6.27 -24.10
N ALA A 318 9.54 6.25 -23.79
CA ALA A 318 8.57 5.38 -24.46
C ALA A 318 7.54 6.16 -25.29
N PRO A 319 7.66 6.08 -26.63
CA PRO A 319 6.69 6.79 -27.47
C PRO A 319 5.26 6.25 -27.38
N VAL A 320 4.30 7.16 -27.56
CA VAL A 320 2.90 6.82 -27.55
C VAL A 320 2.30 7.09 -28.94
N HIS A 321 1.50 6.18 -29.48
CA HIS A 321 0.87 6.40 -30.78
C HIS A 321 -0.67 6.41 -30.76
N ARG A 322 -1.26 5.82 -29.73
CA ARG A 322 -2.71 5.78 -29.63
C ARG A 322 -3.21 5.96 -28.19
N ILE A 323 -4.31 6.72 -28.06
CA ILE A 323 -5.00 6.91 -26.80
C ILE A 323 -6.47 6.58 -27.02
N LEU A 324 -7.01 5.68 -26.21
CA LEU A 324 -8.41 5.31 -26.26
C LEU A 324 -9.09 6.10 -25.12
N TYR A 325 -9.92 7.08 -25.50
CA TYR A 325 -10.62 7.94 -24.55
C TYR A 325 -12.10 8.04 -24.86
N LYS A 326 -12.96 7.64 -23.90
CA LYS A 326 -14.42 7.67 -24.06
C LYS A 326 -14.82 6.88 -25.35
N ASP A 327 -14.26 5.66 -25.48
CA ASP A 327 -14.45 4.73 -26.62
C ASP A 327 -14.06 5.17 -28.06
N ARG A 328 -13.43 6.34 -28.12
CA ARG A 328 -13.00 6.96 -29.36
C ARG A 328 -11.48 6.86 -29.49
N ASN A 329 -11.03 6.45 -30.66
CA ASN A 329 -9.61 6.28 -30.89
C ASN A 329 -8.93 7.54 -31.32
N LEU A 330 -7.81 7.82 -30.67
CA LEU A 330 -7.03 8.97 -30.98
C LEU A 330 -5.66 8.57 -31.46
N HIS A 331 -5.37 8.97 -32.68
CA HIS A 331 -4.06 8.70 -33.25
C HIS A 331 -3.10 9.87 -32.90
N ILE A 332 -1.94 9.49 -32.34
CA ILE A 332 -0.93 10.47 -31.97
C ILE A 332 0.17 10.23 -33.00
N PRO A 333 0.46 11.24 -33.82
CA PRO A 333 1.49 11.14 -34.87
C PRO A 333 2.96 11.06 -34.46
N THR A 334 3.23 10.53 -33.27
CA THR A 334 4.61 10.43 -32.75
C THR A 334 5.61 9.77 -33.67
N MET A 335 5.27 8.54 -34.11
CA MET A 335 6.13 7.76 -35.00
C MET A 335 6.27 8.39 -36.37
N GLU A 336 5.18 9.01 -36.88
CA GLU A 336 5.22 9.68 -38.20
C GLU A 336 6.11 10.96 -38.20
N ASN A 337 6.33 11.55 -37.02
CA ASN A 337 7.14 12.75 -36.83
C ASN A 337 8.62 12.50 -36.48
N GLY A 338 9.11 11.28 -36.74
CA GLY A 338 10.49 10.95 -36.46
C GLY A 338 10.68 9.63 -35.70
N PRO A 339 10.50 9.58 -34.37
CA PRO A 339 10.13 10.65 -33.44
C PRO A 339 11.43 11.43 -33.14
N GLU A 340 11.57 12.58 -33.77
CA GLU A 340 12.78 13.39 -33.65
C GLU A 340 13.29 13.73 -32.27
N LEU A 341 12.41 14.25 -31.43
CA LEU A 341 12.82 14.63 -30.10
C LEU A 341 13.23 13.39 -29.28
N ILE A 342 12.46 12.32 -29.41
CA ILE A 342 12.70 11.07 -28.69
C ILE A 342 14.05 10.47 -29.06
N LEU A 343 14.33 10.42 -30.37
CA LEU A 343 15.57 9.88 -30.86
C LEU A 343 16.77 10.64 -30.35
N ARG A 344 16.60 11.96 -30.23
CA ARG A 344 17.64 12.86 -29.77
C ARG A 344 17.94 12.69 -28.29
N PHE A 345 16.89 12.50 -27.51
CA PHE A 345 16.94 12.32 -26.08
C PHE A 345 17.57 11.00 -25.83
N GLN A 346 17.19 10.01 -26.64
CA GLN A 346 17.77 8.71 -26.50
C GLN A 346 19.25 8.63 -26.84
N LYS A 347 19.64 9.36 -27.90
CA LYS A 347 21.04 9.42 -28.34
C LYS A 347 21.91 10.06 -27.26
N GLU A 348 21.47 11.21 -26.75
CA GLU A 348 22.23 11.91 -25.72
C GLU A 348 22.31 11.19 -24.38
N LEU A 349 21.27 10.42 -24.03
CA LEU A 349 21.31 9.68 -22.77
C LEU A 349 22.31 8.56 -22.85
N LYS A 350 22.26 7.81 -23.95
CA LYS A 350 23.18 6.71 -24.22
C LYS A 350 24.64 7.17 -24.20
N GLU A 351 24.90 8.37 -24.72
CA GLU A 351 26.25 8.90 -24.74
C GLU A 351 26.80 9.20 -23.34
N ILE A 352 25.92 9.70 -22.47
CA ILE A 352 26.24 10.03 -21.10
C ILE A 352 26.30 8.76 -20.26
N GLN A 353 25.34 7.87 -20.46
CA GLN A 353 25.26 6.65 -19.71
C GLN A 353 26.35 5.64 -19.95
N TYR A 354 26.80 5.55 -21.20
CA TYR A 354 27.83 4.58 -21.53
C TYR A 354 29.20 5.18 -21.58
N GLY A 355 29.38 6.38 -20.99
CA GLY A 355 30.68 7.02 -20.92
C GLY A 355 31.36 7.50 -22.21
N ILE A 356 30.63 7.56 -23.32
CA ILE A 356 31.16 8.03 -24.61
C ILE A 356 31.57 9.49 -24.47
N ARG A 357 30.78 10.21 -23.67
CA ARG A 357 30.94 11.64 -23.36
C ARG A 357 30.99 11.76 -21.83
N ALA A 358 31.96 12.51 -21.32
CA ALA A 358 32.12 12.74 -19.89
C ALA A 358 31.06 13.71 -19.42
N HIS A 359 30.44 13.36 -18.31
CA HIS A 359 29.39 14.16 -17.74
C HIS A 359 29.34 13.94 -16.22
N GLU A 360 29.06 14.99 -15.46
CA GLU A 360 28.99 14.95 -13.99
C GLU A 360 27.83 14.12 -13.41
N TRP A 361 26.84 13.82 -14.26
CA TRP A 361 25.70 13.01 -13.89
C TRP A 361 26.08 11.59 -13.62
N MET A 362 27.22 11.15 -14.16
CA MET A 362 27.64 9.76 -13.88
C MET A 362 28.48 9.59 -12.64
N PHE A 363 28.16 8.58 -11.84
CA PHE A 363 28.87 8.26 -10.61
C PHE A 363 29.63 7.00 -10.89
N PRO A 364 30.98 7.04 -10.88
CA PRO A 364 31.77 5.82 -11.15
C PRO A 364 31.86 4.80 -10.02
N VAL A 365 31.74 3.53 -10.38
CA VAL A 365 31.85 2.47 -9.40
C VAL A 365 33.31 2.06 -9.30
N SER B 3 -10.11 -22.69 -8.98
CA SER B 3 -10.71 -23.73 -8.07
C SER B 3 -10.46 -23.30 -6.59
N SER B 4 -10.36 -24.25 -5.63
CA SER B 4 -10.12 -23.93 -4.19
C SER B 4 -9.55 -25.08 -3.36
N PHE B 5 -9.05 -24.76 -2.16
CA PHE B 5 -8.55 -25.81 -1.26
C PHE B 5 -9.75 -26.30 -0.47
N LYS B 6 -9.59 -27.41 0.24
CA LYS B 6 -10.69 -28.03 0.99
C LYS B 6 -10.24 -28.32 2.38
N ALA B 7 -11.07 -28.02 3.37
CA ALA B 7 -10.68 -28.31 4.75
C ALA B 7 -10.55 -29.81 5.08
N ALA B 8 -11.17 -30.64 4.25
CA ALA B 8 -11.14 -32.09 4.39
C ALA B 8 -9.72 -32.61 4.01
N ASP B 9 -9.02 -31.79 3.25
CA ASP B 9 -7.66 -32.07 2.81
C ASP B 9 -6.67 -31.53 3.85
N LEU B 10 -7.16 -31.04 4.99
CA LEU B 10 -6.27 -30.46 6.01
C LEU B 10 -5.26 -31.42 6.61
N GLN B 11 -4.03 -30.92 6.55
CA GLN B 11 -2.82 -31.57 7.03
C GLN B 11 -2.56 -30.92 8.38
N LEU B 12 -2.37 -31.77 9.40
CA LEU B 12 -2.18 -31.34 10.78
C LEU B 12 -0.79 -31.70 11.25
N GLU B 13 -0.09 -30.72 11.81
CA GLU B 13 1.25 -30.93 12.34
C GLU B 13 1.22 -30.26 13.69
N MET B 14 1.06 -31.05 14.75
CA MET B 14 1.03 -30.53 16.13
C MET B 14 2.38 -30.03 16.60
N THR B 15 2.40 -28.98 17.42
CA THR B 15 3.64 -28.43 17.94
C THR B 15 4.43 -29.39 18.84
N GLN B 16 5.76 -29.23 18.80
CA GLN B 16 6.74 -30.02 19.57
C GLN B 16 6.82 -29.33 20.92
N LYS B 17 7.27 -28.07 20.83
CA LYS B 17 7.49 -27.12 21.92
C LYS B 17 6.43 -26.03 22.07
N PRO B 18 5.47 -26.21 23.01
CA PRO B 18 4.37 -25.26 23.29
C PRO B 18 4.92 -24.03 23.98
N HIS B 19 4.32 -22.87 23.71
CA HIS B 19 4.71 -21.60 24.36
C HIS B 19 3.93 -21.43 25.69
N LYS B 20 4.37 -20.49 26.53
CA LYS B 20 3.71 -20.19 27.83
C LYS B 20 2.55 -19.23 27.65
N LYS B 21 1.35 -19.70 27.97
CA LYS B 21 0.14 -18.88 27.89
C LYS B 21 0.20 -17.78 28.97
N PRO B 22 -0.15 -16.51 28.63
CA PRO B 22 -0.11 -15.48 29.68
C PRO B 22 -1.27 -15.74 30.63
N GLY B 23 -1.10 -15.39 31.89
CA GLY B 23 -2.19 -15.60 32.80
C GLY B 23 -2.94 -14.31 32.94
N PRO B 24 -4.19 -14.31 33.44
CA PRO B 24 -4.91 -13.02 33.59
C PRO B 24 -4.15 -12.18 34.64
N GLY B 25 -4.40 -10.88 34.76
CA GLY B 25 -3.60 -10.15 35.75
C GLY B 25 -2.30 -9.69 35.10
N GLU B 26 -2.07 -10.20 33.88
CA GLU B 26 -0.95 -9.78 33.03
C GLU B 26 -1.71 -8.97 31.95
N PRO B 27 -1.34 -7.67 31.78
CA PRO B 27 -2.03 -6.84 30.78
C PRO B 27 -1.75 -7.23 29.31
N LEU B 28 -2.82 -7.69 28.66
CA LEU B 28 -2.79 -8.09 27.26
C LEU B 28 -2.80 -6.97 26.18
N VAL B 29 -1.60 -6.61 25.70
CA VAL B 29 -1.41 -5.59 24.66
C VAL B 29 -1.85 -6.14 23.28
N PHE B 30 -2.67 -5.35 22.57
CA PHE B 30 -3.23 -5.69 21.25
C PHE B 30 -2.21 -6.15 20.23
N GLY B 31 -2.52 -7.30 19.62
CA GLY B 31 -1.71 -7.92 18.58
C GLY B 31 -0.24 -8.08 18.82
N LYS B 32 0.11 -8.52 20.02
CA LYS B 32 1.51 -8.69 20.44
C LYS B 32 1.96 -10.08 20.89
N THR B 33 1.00 -10.90 21.33
CA THR B 33 1.23 -12.25 21.86
C THR B 33 0.59 -13.25 20.92
N PHE B 34 1.33 -14.23 20.45
CA PHE B 34 0.73 -15.16 19.51
C PHE B 34 0.59 -16.56 20.03
N THR B 35 -0.38 -17.26 19.49
CA THR B 35 -0.65 -18.62 19.89
C THR B 35 0.33 -19.61 19.30
N ASP B 36 0.06 -20.89 19.50
CA ASP B 36 0.98 -21.95 19.08
C ASP B 36 0.97 -22.34 17.66
N HIS B 37 -0.20 -22.36 17.02
CA HIS B 37 -0.30 -22.78 15.63
C HIS B 37 -0.74 -21.67 14.65
N MET B 38 -0.58 -21.95 13.36
CA MET B 38 -0.97 -21.01 12.29
C MET B 38 -1.49 -21.81 11.13
N LEU B 39 -2.34 -21.22 10.31
CA LEU B 39 -2.88 -21.87 9.11
C LEU B 39 -2.01 -21.40 7.94
N MET B 40 -1.71 -22.29 6.99
CA MET B 40 -0.86 -21.93 5.88
C MET B 40 -1.32 -22.64 4.66
N VAL B 41 -1.55 -21.88 3.57
CA VAL B 41 -1.99 -22.42 2.28
C VAL B 41 -1.27 -21.67 1.16
N GLU B 42 -0.67 -22.47 0.27
CA GLU B 42 0.07 -21.97 -0.87
C GLU B 42 -0.68 -22.10 -2.17
N TRP B 43 -0.48 -21.14 -3.08
CA TRP B 43 -1.09 -21.14 -4.40
C TRP B 43 -0.02 -20.84 -5.46
N ASN B 44 -0.19 -21.46 -6.65
CA ASN B 44 0.61 -21.16 -7.86
C ASN B 44 -0.37 -21.34 -9.02
N ASP B 45 0.03 -21.12 -10.29
CA ASP B 45 -0.97 -21.29 -11.34
C ASP B 45 -1.59 -22.68 -11.65
N LYS B 46 -1.01 -23.78 -11.14
CA LYS B 46 -1.69 -25.09 -11.27
C LYS B 46 -2.78 -25.20 -10.13
N GLY B 47 -2.78 -24.21 -9.21
CA GLY B 47 -3.76 -24.09 -8.14
C GLY B 47 -3.33 -24.05 -6.68
N TRP B 48 -4.29 -24.26 -5.80
CA TRP B 48 -4.05 -24.25 -4.37
C TRP B 48 -3.50 -25.56 -3.97
N GLY B 49 -2.61 -25.49 -3.00
CA GLY B 49 -2.00 -26.67 -2.43
C GLY B 49 -2.93 -27.13 -1.30
N GLN B 50 -2.38 -27.96 -0.43
CA GLN B 50 -3.11 -28.55 0.68
C GLN B 50 -2.97 -27.64 1.90
N PRO B 51 -4.09 -27.28 2.56
CA PRO B 51 -3.98 -26.41 3.74
C PRO B 51 -3.34 -27.15 4.91
N ARG B 52 -2.58 -26.43 5.71
CA ARG B 52 -1.96 -27.04 6.84
C ARG B 52 -1.94 -26.19 8.10
N ILE B 53 -2.13 -26.87 9.22
CA ILE B 53 -2.04 -26.23 10.53
C ILE B 53 -0.67 -26.77 10.92
N GLN B 54 0.23 -25.88 11.28
CA GLN B 54 1.58 -26.23 11.60
C GLN B 54 1.94 -25.28 12.73
N PRO B 55 3.09 -25.51 13.42
CA PRO B 55 3.45 -24.59 14.51
C PRO B 55 3.76 -23.23 13.97
N PHE B 56 3.64 -22.26 14.86
CA PHE B 56 3.89 -20.86 14.58
C PHE B 56 5.37 -20.75 14.28
N GLN B 57 5.69 -20.28 13.07
CA GLN B 57 7.07 -20.12 12.63
C GLN B 57 7.24 -18.91 11.70
N ASN B 58 8.49 -18.57 11.38
CA ASN B 58 8.73 -17.46 10.50
C ASN B 58 8.47 -17.82 9.06
N LEU B 59 8.17 -16.80 8.26
CA LEU B 59 7.94 -16.99 6.82
C LEU B 59 9.30 -16.83 6.11
N THR B 60 9.49 -17.63 5.07
CA THR B 60 10.69 -17.58 4.27
C THR B 60 10.26 -16.99 2.92
N LEU B 61 10.65 -15.74 2.67
CA LEU B 61 10.29 -15.10 1.42
C LEU B 61 11.51 -14.68 0.59
N HIS B 62 11.37 -14.86 -0.71
CA HIS B 62 12.35 -14.42 -1.69
C HIS B 62 12.38 -12.87 -1.63
N PRO B 63 13.58 -12.26 -1.73
CA PRO B 63 13.73 -10.78 -1.67
C PRO B 63 12.96 -10.00 -2.71
N ALA B 64 12.54 -10.65 -3.78
CA ALA B 64 11.81 -9.98 -4.83
C ALA B 64 10.28 -10.21 -4.77
N SER B 65 9.80 -10.87 -3.70
CA SER B 65 8.38 -11.16 -3.50
C SER B 65 7.54 -9.90 -3.68
N SER B 66 6.53 -10.03 -4.54
CA SER B 66 5.66 -8.88 -4.89
C SER B 66 4.89 -8.26 -3.69
N SER B 67 4.76 -9.02 -2.60
CA SER B 67 4.10 -8.56 -1.37
C SER B 67 4.91 -7.43 -0.70
N LEU B 68 6.23 -7.46 -0.89
CA LEU B 68 7.17 -6.51 -0.30
C LEU B 68 7.54 -5.31 -1.19
N HIS B 69 7.31 -5.41 -2.48
CA HIS B 69 7.62 -4.29 -3.37
C HIS B 69 6.37 -3.54 -3.83
N TYR B 70 5.35 -4.31 -4.21
CA TYR B 70 4.13 -3.72 -4.77
C TYR B 70 2.87 -3.85 -3.94
N SER B 71 3.03 -4.16 -2.66
CA SER B 71 1.90 -4.25 -1.73
C SER B 71 0.71 -5.12 -2.11
N LEU B 72 1.03 -6.29 -2.62
CA LEU B 72 -0.01 -7.23 -2.95
C LEU B 72 -0.28 -7.95 -1.61
N GLN B 73 -1.07 -7.29 -0.78
CA GLN B 73 -1.35 -7.78 0.53
C GLN B 73 -2.68 -7.26 1.01
N LEU B 74 -3.44 -8.13 1.68
CA LEU B 74 -4.71 -7.80 2.30
C LEU B 74 -4.84 -8.57 3.60
N PHE B 75 -5.72 -8.09 4.45
CA PHE B 75 -5.93 -8.74 5.72
C PHE B 75 -7.37 -8.63 6.15
N GLU B 76 -7.69 -9.40 7.18
CA GLU B 76 -8.99 -9.38 7.78
C GLU B 76 -8.78 -9.38 9.28
N GLY B 77 -9.86 -9.20 10.01
CA GLY B 77 -9.80 -9.17 11.45
C GLY B 77 -11.16 -9.44 12.03
N MET B 78 -11.22 -10.52 12.81
CA MET B 78 -12.44 -10.92 13.48
C MET B 78 -12.08 -11.55 14.86
N LYS B 79 -13.10 -11.73 15.70
CA LYS B 79 -12.89 -12.21 17.04
C LYS B 79 -13.69 -13.43 17.37
N ALA B 80 -13.06 -14.23 18.21
CA ALA B 80 -13.68 -15.43 18.72
C ALA B 80 -13.81 -15.16 20.22
N PHE B 81 -14.97 -15.51 20.79
CA PHE B 81 -15.23 -15.28 22.21
C PHE B 81 -15.52 -16.56 23.00
N LYS B 82 -15.07 -16.61 24.26
CA LYS B 82 -15.30 -17.75 25.14
C LYS B 82 -16.44 -17.37 26.07
N GLY B 83 -17.55 -18.10 25.97
CA GLY B 83 -18.71 -17.84 26.82
C GLY B 83 -18.57 -18.35 28.26
N LYS B 84 -19.61 -18.12 29.09
CA LYS B 84 -19.62 -18.61 30.51
C LYS B 84 -19.79 -20.14 30.53
N ASP B 85 -20.41 -20.64 29.46
CA ASP B 85 -20.67 -22.07 29.22
C ASP B 85 -19.42 -22.69 28.56
N GLN B 86 -18.29 -21.98 28.66
CA GLN B 86 -16.96 -22.37 28.14
C GLN B 86 -16.87 -22.68 26.60
N GLN B 87 -17.93 -22.38 25.86
CA GLN B 87 -17.96 -22.62 24.39
C GLN B 87 -17.33 -21.42 23.62
N VAL B 88 -16.55 -21.71 22.57
CA VAL B 88 -15.91 -20.67 21.78
C VAL B 88 -16.74 -20.39 20.53
N ARG B 89 -17.12 -19.12 20.36
CA ARG B 89 -17.90 -18.66 19.19
C ARG B 89 -17.31 -17.46 18.45
N LEU B 90 -17.51 -17.44 17.14
CA LEU B 90 -17.04 -16.36 16.27
C LEU B 90 -18.19 -15.43 15.90
N PHE B 91 -17.87 -14.14 15.85
CA PHE B 91 -18.83 -13.12 15.53
C PHE B 91 -18.91 -12.87 14.03
N ARG B 92 -20.08 -13.12 13.46
CA ARG B 92 -20.45 -12.94 12.04
C ARG B 92 -19.29 -13.15 11.07
N PRO B 93 -18.62 -14.29 11.19
CA PRO B 93 -17.47 -14.49 10.29
C PRO B 93 -17.74 -14.58 8.78
N TRP B 94 -18.98 -14.83 8.39
CA TRP B 94 -19.35 -14.90 6.96
C TRP B 94 -19.12 -13.58 6.24
N LEU B 95 -19.42 -12.47 6.94
CA LEU B 95 -19.22 -11.13 6.42
C LEU B 95 -17.73 -10.84 6.17
N ASN B 96 -16.85 -11.36 7.05
CA ASN B 96 -15.42 -11.19 6.90
C ASN B 96 -14.91 -11.98 5.70
N MET B 97 -15.47 -13.18 5.53
CA MET B 97 -15.14 -14.04 4.42
C MET B 97 -15.53 -13.38 3.13
N ASP B 98 -16.66 -12.67 3.08
CA ASP B 98 -17.06 -11.94 1.86
C ASP B 98 -16.12 -10.76 1.54
N ARG B 99 -15.73 -10.03 2.58
CA ARG B 99 -14.90 -8.87 2.41
C ARG B 99 -13.50 -9.24 1.89
N MET B 100 -12.95 -10.35 2.41
CA MET B 100 -11.64 -10.88 2.05
C MET B 100 -11.61 -11.28 0.57
N LEU B 101 -12.64 -11.99 0.11
CA LEU B 101 -12.79 -12.42 -1.26
C LEU B 101 -12.82 -11.21 -2.19
N ARG B 102 -13.57 -10.20 -1.80
CA ARG B 102 -13.70 -8.94 -2.54
C ARG B 102 -12.31 -8.20 -2.62
N SER B 103 -11.57 -8.21 -1.51
CA SER B 103 -10.24 -7.59 -1.45
C SER B 103 -9.23 -8.33 -2.37
N ALA B 104 -9.35 -9.66 -2.41
CA ALA B 104 -8.48 -10.54 -3.21
C ALA B 104 -8.69 -10.30 -4.71
N MET B 105 -9.95 -10.12 -5.08
CA MET B 105 -10.30 -9.88 -6.45
C MET B 105 -9.81 -8.53 -6.93
N ARG B 106 -9.84 -7.52 -6.07
CA ARG B 106 -9.37 -6.18 -6.41
C ARG B 106 -7.81 -6.12 -6.64
N LEU B 107 -7.09 -7.05 -6.02
CA LEU B 107 -5.66 -7.10 -6.15
C LEU B 107 -5.20 -8.20 -7.04
N CYS B 108 -6.15 -8.89 -7.71
CA CYS B 108 -5.85 -10.01 -8.62
C CYS B 108 -5.13 -11.17 -7.91
N LEU B 109 -5.55 -11.42 -6.68
CA LEU B 109 -5.03 -12.51 -5.90
C LEU B 109 -6.01 -13.67 -6.11
N PRO B 110 -5.57 -14.90 -5.89
CA PRO B 110 -6.51 -16.01 -6.13
C PRO B 110 -7.75 -16.18 -5.28
N SER B 111 -8.85 -16.57 -5.93
CA SER B 111 -10.11 -16.83 -5.24
C SER B 111 -9.94 -18.08 -4.38
N PHE B 112 -10.86 -18.23 -3.42
CA PHE B 112 -10.90 -19.41 -2.52
C PHE B 112 -12.37 -19.62 -2.16
N ASP B 113 -12.73 -20.73 -1.52
CA ASP B 113 -14.13 -20.91 -1.17
C ASP B 113 -14.28 -20.36 0.23
N LYS B 114 -15.22 -19.43 0.38
CA LYS B 114 -15.48 -18.77 1.65
C LYS B 114 -15.75 -19.68 2.84
N LEU B 115 -16.50 -20.76 2.62
CA LEU B 115 -16.89 -21.70 3.66
C LEU B 115 -15.75 -22.65 4.04
N GLU B 116 -14.92 -23.01 3.06
CA GLU B 116 -13.77 -23.89 3.31
C GLU B 116 -12.73 -23.15 4.15
N LEU B 117 -12.54 -21.85 3.87
CA LEU B 117 -11.58 -21.08 4.63
C LEU B 117 -12.07 -20.97 6.06
N LEU B 118 -13.38 -20.72 6.20
CA LEU B 118 -14.00 -20.57 7.50
C LEU B 118 -13.86 -21.85 8.34
N GLU B 119 -14.02 -23.00 7.66
CA GLU B 119 -13.89 -24.32 8.27
C GLU B 119 -12.46 -24.59 8.73
N CYS B 120 -11.47 -24.20 7.93
CA CYS B 120 -10.05 -24.32 8.31
C CYS B 120 -9.75 -23.36 9.45
N ILE B 121 -10.34 -22.15 9.45
CA ILE B 121 -10.11 -21.20 10.55
C ILE B 121 -10.68 -21.82 11.85
N ARG B 122 -11.83 -22.47 11.72
CA ARG B 122 -12.51 -23.08 12.86
C ARG B 122 -11.62 -24.15 13.47
N ARG B 123 -11.05 -25.01 12.60
CA ARG B 123 -10.13 -26.07 12.98
C ARG B 123 -8.90 -25.49 13.68
N LEU B 124 -8.44 -24.35 13.18
CA LEU B 124 -7.29 -23.69 13.75
C LEU B 124 -7.62 -23.26 15.17
N ILE B 125 -8.81 -22.72 15.38
CA ILE B 125 -9.17 -22.27 16.72
C ILE B 125 -9.41 -23.48 17.64
N GLU B 126 -9.91 -24.59 17.12
CA GLU B 126 -10.15 -25.81 17.92
C GLU B 126 -8.83 -26.33 18.48
N VAL B 127 -7.79 -26.40 17.63
CA VAL B 127 -6.45 -26.81 18.06
C VAL B 127 -5.90 -25.84 19.12
N ASP B 128 -5.99 -24.52 18.88
CA ASP B 128 -5.50 -23.54 19.87
C ASP B 128 -6.52 -23.02 20.86
N LYS B 129 -7.59 -23.78 21.12
CA LYS B 129 -8.71 -23.45 22.04
C LYS B 129 -8.38 -22.91 23.46
N ASP B 130 -7.38 -23.53 24.10
CA ASP B 130 -6.92 -23.16 25.43
C ASP B 130 -6.31 -21.75 25.52
N TRP B 131 -6.05 -21.20 24.33
CA TRP B 131 -5.52 -19.84 24.18
C TRP B 131 -6.59 -18.74 24.26
N VAL B 132 -7.85 -19.09 23.97
CA VAL B 132 -8.96 -18.12 24.05
C VAL B 132 -9.13 -17.84 25.55
N PRO B 133 -8.98 -16.57 25.99
CA PRO B 133 -9.12 -16.21 27.41
C PRO B 133 -10.60 -16.24 27.91
N ASP B 134 -10.80 -16.45 29.22
CA ASP B 134 -12.17 -16.50 29.78
C ASP B 134 -12.57 -15.28 30.58
N ALA B 135 -11.66 -14.31 30.69
CA ALA B 135 -11.89 -13.08 31.44
C ALA B 135 -12.85 -12.08 30.76
N ALA B 136 -13.33 -11.13 31.56
CA ALA B 136 -14.28 -10.12 31.12
C ALA B 136 -13.69 -9.17 30.07
N GLY B 137 -14.35 -9.09 28.92
CA GLY B 137 -13.92 -8.20 27.85
C GLY B 137 -12.75 -8.64 26.97
N THR B 138 -12.25 -9.86 27.20
CA THR B 138 -11.14 -10.42 26.42
C THR B 138 -11.64 -11.30 25.28
N SER B 139 -10.78 -11.57 24.31
CA SER B 139 -11.16 -12.38 23.15
C SER B 139 -9.93 -12.86 22.38
N LEU B 140 -10.17 -13.66 21.35
CA LEU B 140 -9.09 -14.14 20.50
C LEU B 140 -9.19 -13.36 19.17
N TYR B 141 -8.17 -12.60 18.83
CA TYR B 141 -8.19 -11.85 17.57
C TYR B 141 -7.62 -12.78 16.51
N VAL B 142 -8.37 -12.92 15.42
CA VAL B 142 -8.03 -13.78 14.29
C VAL B 142 -7.59 -12.89 13.12
N ARG B 143 -6.38 -13.14 12.62
CA ARG B 143 -5.83 -12.36 11.53
C ARG B 143 -5.48 -13.13 10.25
N PRO B 144 -6.42 -13.21 9.29
CA PRO B 144 -6.19 -13.90 8.00
C PRO B 144 -5.46 -12.89 7.10
N VAL B 145 -4.45 -13.37 6.36
CA VAL B 145 -3.66 -12.53 5.46
C VAL B 145 -3.48 -13.25 4.16
N LEU B 146 -3.53 -12.50 3.07
CA LEU B 146 -3.29 -13.06 1.76
C LEU B 146 -2.36 -12.12 1.01
N ILE B 147 -1.20 -12.69 0.63
CA ILE B 147 -0.16 -11.97 -0.09
C ILE B 147 0.25 -12.59 -1.38
N GLY B 148 0.74 -11.71 -2.28
CA GLY B 148 1.27 -12.12 -3.58
C GLY B 148 2.71 -12.55 -3.28
N ASN B 149 3.25 -13.56 -3.95
CA ASN B 149 4.58 -14.07 -3.65
C ASN B 149 5.40 -14.43 -4.88
N GLU B 150 5.20 -13.66 -5.95
CA GLU B 150 5.89 -13.83 -7.23
C GLU B 150 7.27 -13.26 -7.08
N PRO B 151 8.32 -14.07 -7.29
CA PRO B 151 9.71 -13.55 -7.16
C PRO B 151 10.15 -12.71 -8.36
N SER B 152 9.41 -11.67 -8.68
CA SER B 152 9.67 -10.85 -9.86
C SER B 152 9.42 -9.39 -9.58
N LEU B 153 10.18 -8.53 -10.25
CA LEU B 153 10.04 -7.09 -10.08
C LEU B 153 9.06 -6.42 -11.06
N GLY B 154 8.42 -7.25 -11.89
CA GLY B 154 7.45 -6.73 -12.83
C GLY B 154 6.15 -6.50 -12.08
N VAL B 155 5.48 -5.41 -12.42
CA VAL B 155 4.20 -5.08 -11.81
C VAL B 155 3.15 -5.78 -12.64
N SER B 156 2.77 -6.96 -12.17
CA SER B 156 1.83 -7.83 -12.87
C SER B 156 1.09 -8.75 -11.90
N GLN B 157 0.16 -9.53 -12.44
CA GLN B 157 -0.63 -10.48 -11.68
C GLN B 157 0.34 -11.56 -11.17
N PRO B 158 0.30 -11.85 -9.87
CA PRO B 158 1.21 -12.88 -9.34
C PRO B 158 0.79 -14.30 -9.66
N ARG B 159 1.77 -15.16 -9.90
CA ARG B 159 1.53 -16.56 -10.23
C ARG B 159 1.75 -17.42 -8.99
N ARG B 160 2.17 -16.77 -7.90
CA ARG B 160 2.46 -17.41 -6.63
C ARG B 160 1.78 -16.57 -5.55
N ALA B 161 1.18 -17.26 -4.57
CA ALA B 161 0.52 -16.58 -3.50
C ALA B 161 0.58 -17.39 -2.22
N LEU B 162 0.37 -16.71 -1.11
CA LEU B 162 0.38 -17.36 0.19
C LEU B 162 -0.73 -16.79 1.07
N LEU B 163 -1.52 -17.70 1.61
CA LEU B 163 -2.57 -17.35 2.55
C LEU B 163 -2.22 -17.99 3.91
N PHE B 164 -2.10 -17.14 4.92
CA PHE B 164 -1.86 -17.56 6.30
C PHE B 164 -2.88 -16.87 7.30
N VAL B 165 -3.08 -17.52 8.46
CA VAL B 165 -3.93 -17.02 9.51
C VAL B 165 -3.17 -17.17 10.83
N ILE B 166 -3.08 -16.11 11.62
CA ILE B 166 -2.43 -16.12 12.95
C ILE B 166 -3.47 -15.64 13.99
N LEU B 167 -3.31 -16.15 15.22
CA LEU B 167 -4.25 -15.87 16.31
C LEU B 167 -3.55 -15.22 17.47
N CYS B 168 -4.21 -14.27 18.09
CA CYS B 168 -3.61 -13.64 19.23
C CYS B 168 -4.63 -13.22 20.29
N PRO B 169 -4.39 -13.63 21.58
CA PRO B 169 -5.27 -13.31 22.70
C PRO B 169 -5.23 -11.82 22.93
N VAL B 170 -6.41 -11.26 23.05
CA VAL B 170 -6.54 -9.85 23.16
C VAL B 170 -7.45 -9.49 24.29
N GLY B 171 -7.12 -8.42 25.00
CA GLY B 171 -7.96 -7.98 26.10
C GLY B 171 -8.75 -6.76 25.72
N ALA B 172 -8.65 -6.41 24.44
CA ALA B 172 -9.25 -5.27 23.75
C ALA B 172 -8.56 -4.00 24.25
N TYR B 173 -8.95 -3.70 25.48
CA TYR B 173 -8.51 -2.60 26.32
C TYR B 173 -9.23 -1.24 26.43
N PHE B 174 -10.10 -1.33 27.45
CA PHE B 174 -10.94 -0.33 28.10
C PHE B 174 -10.71 -1.08 29.42
N PRO B 175 -9.52 -0.91 30.05
CA PRO B 175 -9.09 -1.55 31.33
C PRO B 175 -10.00 -2.41 32.24
N GLY B 176 -11.13 -1.87 32.67
CA GLY B 176 -12.05 -2.63 33.51
C GLY B 176 -13.44 -2.33 33.01
N GLY B 177 -13.56 -2.30 31.69
CA GLY B 177 -14.81 -1.98 31.02
C GLY B 177 -14.79 -0.52 30.56
N SER B 178 -14.18 0.34 31.41
CA SER B 178 -13.95 1.81 31.24
C SER B 178 -14.88 2.72 30.39
N VAL B 179 -14.86 2.51 29.06
CA VAL B 179 -15.61 3.29 28.06
C VAL B 179 -15.09 4.73 28.13
N THR B 180 -13.76 4.86 28.02
CA THR B 180 -13.09 6.15 28.07
C THR B 180 -13.08 6.80 26.65
N PRO B 181 -13.41 8.10 26.55
CA PRO B 181 -13.43 8.75 25.25
C PRO B 181 -12.09 9.11 24.64
N VAL B 182 -12.12 9.50 23.37
CA VAL B 182 -10.92 9.89 22.64
C VAL B 182 -11.17 11.22 21.95
N SER B 183 -10.10 11.95 21.69
CA SER B 183 -10.19 13.20 20.99
C SER B 183 -9.63 13.00 19.55
N LEU B 184 -10.20 13.76 18.62
CA LEU B 184 -9.85 13.63 17.23
C LEU B 184 -9.36 14.87 16.58
N LEU B 185 -8.38 14.69 15.71
CA LEU B 185 -7.84 15.81 14.92
C LEU B 185 -8.48 15.76 13.53
N ALA B 186 -9.20 16.82 13.20
CA ALA B 186 -9.85 16.93 11.89
C ALA B 186 -9.11 17.97 11.05
N ASP B 187 -8.24 17.47 10.19
CA ASP B 187 -7.47 18.34 9.28
C ASP B 187 -7.69 17.95 7.78
N PRO B 188 -8.28 18.85 6.98
CA PRO B 188 -8.51 18.52 5.55
C PRO B 188 -7.32 18.26 4.63
N ALA B 189 -6.12 18.63 5.07
CA ALA B 189 -4.87 18.43 4.33
C ALA B 189 -4.52 16.92 4.19
N PHE B 190 -5.16 16.09 5.02
CA PHE B 190 -4.88 14.66 5.01
C PHE B 190 -6.02 13.81 4.48
N ILE B 191 -5.82 13.19 3.31
CA ILE B 191 -6.85 12.33 2.74
C ILE B 191 -6.46 10.86 2.80
N ARG B 192 -7.39 10.06 3.31
CA ARG B 192 -7.23 8.65 3.50
C ARG B 192 -7.58 7.85 2.25
N ALA B 193 -8.55 8.34 1.51
CA ALA B 193 -9.08 7.61 0.37
C ALA B 193 -9.86 8.53 -0.57
N TRP B 194 -9.85 8.21 -1.86
CA TRP B 194 -10.54 9.00 -2.90
C TRP B 194 -11.58 8.08 -3.59
N VAL B 195 -12.65 8.70 -4.10
CA VAL B 195 -13.69 7.98 -4.86
C VAL B 195 -12.98 7.48 -6.11
N GLY B 196 -13.15 6.18 -6.36
CA GLY B 196 -12.44 5.51 -7.45
C GLY B 196 -11.09 4.94 -7.01
N GLY B 197 -10.88 4.94 -5.70
CA GLY B 197 -9.66 4.43 -5.08
C GLY B 197 -9.94 3.05 -4.46
N VAL B 198 -9.19 2.71 -3.43
CA VAL B 198 -9.30 1.42 -2.79
C VAL B 198 -9.57 1.44 -1.30
N GLY B 199 -10.00 2.61 -0.80
CA GLY B 199 -10.31 2.81 0.62
C GLY B 199 -11.47 2.02 1.22
N ASN B 200 -12.24 1.37 0.34
CA ASN B 200 -13.35 0.53 0.73
C ASN B 200 -12.96 -0.95 0.78
N TYR B 201 -11.66 -1.21 0.69
CA TYR B 201 -11.13 -2.58 0.78
C TYR B 201 -10.11 -2.62 1.88
N LYS B 202 -10.01 -3.75 2.56
CA LYS B 202 -9.03 -3.90 3.64
C LYS B 202 -7.63 -4.31 3.13
N LEU B 203 -6.99 -3.39 2.42
CA LEU B 203 -5.65 -3.63 1.84
C LEU B 203 -4.58 -2.95 2.64
N GLY B 204 -3.45 -3.65 2.79
CA GLY B 204 -2.33 -3.13 3.56
C GLY B 204 -1.90 -1.71 3.19
N GLY B 205 -1.92 -1.40 1.87
CA GLY B 205 -1.54 -0.10 1.37
C GLY B 205 -2.31 1.11 1.88
N ASN B 206 -3.50 0.93 2.40
CA ASN B 206 -4.27 2.06 2.95
C ASN B 206 -3.87 2.44 4.39
N TYR B 207 -3.16 1.56 5.09
CA TYR B 207 -2.77 1.81 6.47
C TYR B 207 -1.41 2.46 6.70
N GLY B 208 -0.40 2.05 5.95
CA GLY B 208 0.93 2.60 6.10
C GLY B 208 0.97 4.13 6.07
N PRO B 209 0.31 4.83 5.10
CA PRO B 209 0.32 6.30 5.07
C PRO B 209 -0.34 6.98 6.27
N THR B 210 -1.16 6.24 7.03
CA THR B 210 -1.84 6.82 8.20
C THR B 210 -0.97 6.98 9.48
N VAL B 211 0.15 6.25 9.55
CA VAL B 211 1.05 6.33 10.71
C VAL B 211 1.57 7.77 11.01
N LEU B 212 1.98 8.53 9.98
CA LEU B 212 2.48 9.88 10.20
C LEU B 212 1.40 10.84 10.63
N VAL B 213 0.21 10.63 10.11
CA VAL B 213 -0.92 11.48 10.42
C VAL B 213 -1.33 11.25 11.87
N GLN B 214 -1.18 10.03 12.32
CA GLN B 214 -1.51 9.66 13.68
C GLN B 214 -0.51 10.34 14.66
N GLN B 215 0.77 10.39 14.26
CA GLN B 215 1.81 11.03 15.05
C GLN B 215 1.53 12.56 15.11
N GLU B 216 1.02 13.12 14.01
CA GLU B 216 0.71 14.53 13.94
C GLU B 216 -0.47 14.90 14.83
N ALA B 217 -1.38 13.93 15.03
CA ALA B 217 -2.51 14.11 15.89
C ALA B 217 -2.01 14.12 17.36
N LEU B 218 -1.09 13.22 17.69
CA LEU B 218 -0.53 13.13 19.04
C LEU B 218 0.21 14.42 19.44
N LYS B 219 0.93 15.02 18.49
CA LYS B 219 1.69 16.27 18.67
C LYS B 219 0.75 17.44 18.99
N ARG B 220 -0.47 17.37 18.45
CA ARG B 220 -1.50 18.41 18.61
C ARG B 220 -2.49 18.10 19.73
N GLY B 221 -2.23 17.03 20.47
CA GLY B 221 -3.04 16.68 21.61
C GLY B 221 -4.28 15.90 21.37
N CYS B 222 -4.25 15.04 20.34
CA CYS B 222 -5.40 14.21 20.03
C CYS B 222 -4.95 12.79 19.94
N GLU B 223 -5.85 11.86 20.23
CA GLU B 223 -5.50 10.44 20.18
C GLU B 223 -5.70 9.85 18.80
N GLN B 224 -6.64 10.40 18.01
CA GLN B 224 -6.96 9.84 16.71
C GLN B 224 -7.26 10.91 15.70
N VAL B 225 -7.45 10.46 14.45
CA VAL B 225 -7.69 11.34 13.31
C VAL B 225 -9.14 11.29 12.78
N LEU B 226 -9.74 12.44 12.57
CA LEU B 226 -11.06 12.43 11.96
C LEU B 226 -10.82 12.70 10.50
N TRP B 227 -11.00 11.66 9.66
CA TRP B 227 -10.82 11.75 8.22
C TRP B 227 -11.93 12.46 7.49
N LEU B 228 -11.57 13.58 6.91
CA LEU B 228 -12.49 14.38 6.13
C LEU B 228 -12.28 14.12 4.62
N TYR B 229 -13.34 14.24 3.84
CA TYR B 229 -13.26 14.08 2.40
C TYR B 229 -14.09 15.14 1.71
N GLY B 230 -13.59 15.68 0.59
CA GLY B 230 -14.31 16.66 -0.20
C GLY B 230 -14.24 18.11 0.24
N PRO B 231 -14.71 19.05 -0.57
CA PRO B 231 -14.68 20.47 -0.20
C PRO B 231 -15.73 20.85 0.84
N ASP B 232 -16.74 20.01 1.05
CA ASP B 232 -17.77 20.22 2.06
C ASP B 232 -17.43 19.51 3.40
N HIS B 233 -16.20 19.00 3.48
CA HIS B 233 -15.62 18.33 4.65
C HIS B 233 -16.51 17.27 5.28
N GLN B 234 -16.84 16.27 4.49
CA GLN B 234 -17.66 15.15 4.94
C GLN B 234 -16.86 14.31 5.84
N LEU B 235 -17.51 13.90 6.93
CA LEU B 235 -16.91 13.02 7.94
C LEU B 235 -16.92 11.63 7.37
N THR B 236 -15.82 10.90 7.47
CA THR B 236 -15.81 9.55 6.91
C THR B 236 -15.51 8.49 7.91
N GLU B 237 -14.32 8.51 8.51
CA GLU B 237 -13.95 7.53 9.48
C GLU B 237 -13.21 8.18 10.64
N VAL B 238 -13.23 7.52 11.80
CA VAL B 238 -12.47 8.01 12.95
C VAL B 238 -11.34 7.00 13.14
N GLY B 239 -10.10 7.48 12.92
CA GLY B 239 -8.93 6.61 12.94
C GLY B 239 -9.17 5.59 11.84
N THR B 240 -9.25 4.33 12.22
CA THR B 240 -9.55 3.25 11.29
C THR B 240 -10.83 2.54 11.77
N MET B 241 -11.77 3.35 12.22
CA MET B 241 -13.07 2.92 12.68
C MET B 241 -14.15 3.68 11.92
N ASN B 242 -15.31 3.06 11.79
CA ASN B 242 -16.48 3.70 11.20
C ASN B 242 -17.06 4.76 12.16
N ILE B 243 -17.60 5.86 11.66
CA ILE B 243 -18.16 6.89 12.56
C ILE B 243 -19.73 6.91 12.61
N PHE B 244 -20.26 7.14 13.81
CA PHE B 244 -21.70 7.24 14.06
C PHE B 244 -22.03 8.51 14.90
N VAL B 245 -23.07 9.23 14.51
CA VAL B 245 -23.51 10.43 15.23
C VAL B 245 -24.98 10.21 15.63
N TYR B 246 -25.24 10.44 16.91
CA TYR B 246 -26.57 10.26 17.50
C TYR B 246 -27.04 11.67 17.86
N TRP B 247 -28.10 12.09 17.18
CA TRP B 247 -28.59 13.43 17.38
C TRP B 247 -30.04 13.64 17.03
N THR B 248 -30.46 14.89 17.19
CA THR B 248 -31.78 15.31 16.80
C THR B 248 -31.41 16.04 15.48
N HIS B 249 -31.81 15.48 14.32
CA HIS B 249 -31.50 16.06 13.00
C HIS B 249 -32.25 17.40 12.84
N GLU B 250 -31.94 18.15 11.76
CA GLU B 250 -32.54 19.46 11.46
C GLU B 250 -34.06 19.45 11.32
N ASP B 251 -34.64 18.28 11.06
CA ASP B 251 -36.07 18.15 10.92
C ASP B 251 -36.77 17.84 12.27
N GLY B 252 -36.00 17.95 13.37
CA GLY B 252 -36.50 17.71 14.72
C GLY B 252 -36.67 16.23 15.10
N VAL B 253 -36.14 15.31 14.28
CA VAL B 253 -36.24 13.87 14.55
C VAL B 253 -34.97 13.29 15.15
N LEU B 254 -35.15 12.44 16.16
CA LEU B 254 -34.05 11.78 16.82
C LEU B 254 -33.58 10.66 15.87
N GLU B 255 -32.27 10.61 15.59
CA GLU B 255 -31.69 9.59 14.69
C GLU B 255 -30.21 9.17 14.90
N LEU B 256 -29.92 7.99 14.38
CA LEU B 256 -28.59 7.42 14.36
C LEU B 256 -28.20 7.42 12.88
N VAL B 257 -27.16 8.18 12.57
CA VAL B 257 -26.63 8.31 11.23
C VAL B 257 -25.17 7.89 11.08
N THR B 258 -24.89 7.23 9.97
CA THR B 258 -23.55 6.80 9.65
C THR B 258 -23.33 7.16 8.16
N PRO B 259 -22.08 7.47 7.72
CA PRO B 259 -21.91 7.81 6.29
C PRO B 259 -22.24 6.64 5.39
N PRO B 260 -22.82 6.89 4.20
CA PRO B 260 -23.16 5.79 3.30
C PRO B 260 -21.94 5.17 2.62
N LEU B 261 -22.14 3.96 2.12
CA LEU B 261 -21.11 3.20 1.43
C LEU B 261 -20.81 3.70 0.01
N ASN B 262 -20.00 4.74 -0.07
CA ASN B 262 -19.52 5.18 -1.36
C ASN B 262 -18.14 4.49 -1.36
N GLY B 263 -17.29 4.81 -2.32
CA GLY B 263 -16.02 4.13 -2.27
C GLY B 263 -15.02 4.62 -1.23
N VAL B 264 -15.46 5.48 -0.31
CA VAL B 264 -14.52 5.99 0.65
C VAL B 264 -14.56 5.35 2.06
N ILE B 265 -15.60 4.58 2.34
CA ILE B 265 -15.78 3.94 3.65
C ILE B 265 -15.52 2.43 3.60
N LEU B 266 -14.84 1.92 4.63
CA LEU B 266 -14.60 0.49 4.69
C LEU B 266 -15.91 -0.07 5.25
N PRO B 267 -16.51 -1.11 4.61
CA PRO B 267 -17.76 -1.70 5.10
C PRO B 267 -17.57 -2.54 6.36
N GLY B 268 -17.55 -1.88 7.52
CA GLY B 268 -17.39 -2.52 8.81
C GLY B 268 -18.43 -3.56 9.18
N VAL B 269 -17.97 -4.67 9.77
CA VAL B 269 -18.86 -5.71 10.22
C VAL B 269 -19.60 -5.23 11.48
N VAL B 270 -18.91 -4.51 12.37
CA VAL B 270 -19.58 -3.94 13.57
C VAL B 270 -20.54 -2.82 13.10
N ARG B 271 -20.15 -2.05 12.09
CA ARG B 271 -20.98 -0.99 11.52
C ARG B 271 -22.35 -1.55 11.09
N GLN B 272 -22.31 -2.61 10.30
CA GLN B 272 -23.50 -3.26 9.81
C GLN B 272 -24.35 -3.79 10.98
N SER B 273 -23.68 -4.34 11.99
CA SER B 273 -24.33 -4.92 13.15
C SER B 273 -25.04 -3.91 13.98
N LEU B 274 -24.45 -2.72 14.12
CA LEU B 274 -25.07 -1.61 14.84
C LEU B 274 -26.31 -1.11 14.06
N LEU B 275 -26.21 -1.04 12.73
CA LEU B 275 -27.33 -0.60 11.92
C LEU B 275 -28.51 -1.58 12.00
N ASP B 276 -28.22 -2.88 11.92
CA ASP B 276 -29.22 -3.95 11.99
C ASP B 276 -29.93 -3.98 13.36
N MET B 277 -29.12 -3.87 14.39
CA MET B 277 -29.58 -3.90 15.75
C MET B 277 -30.49 -2.69 16.03
N ALA B 278 -30.06 -1.50 15.63
CA ALA B 278 -30.85 -0.30 15.87
C ALA B 278 -32.16 -0.26 15.06
N GLN B 279 -32.14 -0.85 13.86
CA GLN B 279 -33.30 -0.90 13.00
C GLN B 279 -34.32 -1.84 13.67
N THR B 280 -33.81 -2.94 14.25
CA THR B 280 -34.65 -3.94 14.92
C THR B 280 -35.44 -3.33 16.09
N TRP B 281 -34.82 -2.42 16.83
CA TRP B 281 -35.51 -1.82 17.98
C TRP B 281 -36.69 -0.98 17.51
N GLY B 282 -36.42 -0.08 16.55
CA GLY B 282 -37.47 0.77 16.00
C GLY B 282 -37.89 1.88 16.94
N GLU B 283 -36.93 2.38 17.71
CA GLU B 283 -37.16 3.45 18.67
C GLU B 283 -36.84 4.81 18.11
N PHE B 284 -35.96 4.83 17.11
CA PHE B 284 -35.53 6.06 16.47
C PHE B 284 -35.15 5.81 15.05
N ARG B 285 -34.98 6.89 14.28
CA ARG B 285 -34.66 6.75 12.86
C ARG B 285 -33.18 6.33 12.67
N VAL B 286 -32.97 5.30 11.83
CA VAL B 286 -31.65 4.76 11.53
C VAL B 286 -31.42 4.98 10.04
N VAL B 287 -30.38 5.77 9.77
CA VAL B 287 -30.11 6.23 8.41
C VAL B 287 -28.63 6.26 7.99
N GLU B 288 -28.35 5.96 6.73
CA GLU B 288 -26.99 6.10 6.20
C GLU B 288 -27.13 7.34 5.33
N ARG B 289 -26.36 8.38 5.65
CA ARG B 289 -26.43 9.64 4.91
C ARG B 289 -25.11 10.39 5.16
N THR B 290 -24.68 11.23 4.25
CA THR B 290 -23.44 11.94 4.44
C THR B 290 -23.61 12.98 5.54
N ILE B 291 -22.53 13.22 6.25
CA ILE B 291 -22.49 14.20 7.33
C ILE B 291 -21.35 15.14 7.01
N THR B 292 -21.61 16.43 7.13
CA THR B 292 -20.57 17.41 6.84
C THR B 292 -20.24 18.09 8.13
N MET B 293 -19.02 18.65 8.21
CA MET B 293 -18.52 19.37 9.37
C MET B 293 -19.43 20.55 9.70
N LYS B 294 -19.96 21.20 8.67
CA LYS B 294 -20.85 22.34 8.77
C LYS B 294 -22.10 21.92 9.56
N GLN B 295 -22.67 20.77 9.20
CA GLN B 295 -23.87 20.24 9.86
C GLN B 295 -23.58 19.88 11.34
N LEU B 296 -22.38 19.36 11.61
CA LEU B 296 -22.01 18.98 12.98
C LEU B 296 -21.81 20.19 13.85
N LEU B 297 -21.09 21.17 13.34
CA LEU B 297 -20.80 22.44 14.03
C LEU B 297 -22.08 23.12 14.49
N ARG B 298 -23.04 23.21 13.56
CA ARG B 298 -24.32 23.83 13.80
C ARG B 298 -25.13 23.11 14.92
N ALA B 299 -25.23 21.80 14.79
CA ALA B 299 -25.93 20.96 15.75
C ALA B 299 -25.32 20.99 17.15
N LEU B 300 -24.01 21.26 17.22
CA LEU B 300 -23.28 21.35 18.48
C LEU B 300 -23.63 22.66 19.20
N GLU B 301 -23.67 23.73 18.41
CA GLU B 301 -24.00 25.07 18.85
C GLU B 301 -25.43 25.11 19.32
N GLU B 302 -26.27 24.27 18.71
CA GLU B 302 -27.69 24.17 19.04
C GLU B 302 -28.00 23.13 20.14
N GLY B 303 -26.97 22.35 20.52
CA GLY B 303 -27.14 21.35 21.56
C GLY B 303 -27.93 20.14 21.12
N ARG B 304 -27.97 19.90 19.82
CA ARG B 304 -28.77 18.79 19.26
C ARG B 304 -28.03 17.45 19.16
N VAL B 305 -26.72 17.48 19.44
CA VAL B 305 -25.88 16.28 19.41
C VAL B 305 -25.86 15.61 20.77
N ARG B 306 -26.11 14.32 20.79
CA ARG B 306 -26.06 13.57 22.01
C ARG B 306 -24.77 12.76 22.12
N GLU B 307 -24.50 11.89 21.14
CA GLU B 307 -23.32 11.00 21.20
C GLU B 307 -22.60 10.78 19.89
N VAL B 308 -21.26 10.88 19.93
CA VAL B 308 -20.45 10.61 18.75
C VAL B 308 -19.52 9.44 19.09
N PHE B 309 -19.39 8.51 18.15
CA PHE B 309 -18.56 7.32 18.38
C PHE B 309 -18.03 6.58 17.18
N GLY B 310 -16.99 5.78 17.44
CA GLY B 310 -16.37 4.99 16.41
C GLY B 310 -16.69 3.54 16.60
N SER B 311 -16.66 2.77 15.52
CA SER B 311 -16.91 1.33 15.58
C SER B 311 -15.87 0.51 14.82
N GLY B 312 -15.57 -0.66 15.39
CA GLY B 312 -14.64 -1.56 14.74
C GLY B 312 -14.50 -2.77 15.60
N THR B 313 -13.89 -3.84 15.11
CA THR B 313 -13.73 -5.06 15.90
C THR B 313 -12.87 -4.89 17.18
N ALA B 314 -11.74 -4.18 17.08
CA ALA B 314 -10.81 -3.94 18.18
C ALA B 314 -11.40 -3.20 19.35
N ALA B 315 -12.01 -2.05 19.10
CA ALA B 315 -12.63 -1.28 20.19
C ALA B 315 -14.08 -1.56 20.47
N GLN B 316 -14.79 -2.13 19.51
CA GLN B 316 -16.26 -2.36 19.58
C GLN B 316 -16.93 -0.98 19.36
N VAL B 317 -17.10 -0.19 20.43
CA VAL B 317 -17.74 1.12 20.33
C VAL B 317 -16.82 2.08 21.08
N ALA B 318 -16.28 3.09 20.40
CA ALA B 318 -15.41 4.04 21.06
C ALA B 318 -15.98 5.47 21.10
N PRO B 319 -16.37 5.97 22.30
CA PRO B 319 -16.91 7.33 22.39
C PRO B 319 -15.92 8.40 22.07
N VAL B 320 -16.43 9.49 21.54
CA VAL B 320 -15.65 10.66 21.18
C VAL B 320 -16.12 11.87 22.04
N HIS B 321 -15.18 12.64 22.61
CA HIS B 321 -15.56 13.80 23.44
C HIS B 321 -15.03 15.12 22.94
N ARG B 322 -13.98 15.06 22.12
CA ARG B 322 -13.43 16.30 21.58
C ARG B 322 -12.95 16.19 20.14
N ILE B 323 -13.23 17.23 19.37
CA ILE B 323 -12.77 17.35 18.00
C ILE B 323 -11.99 18.66 17.82
N LEU B 324 -10.77 18.57 17.31
CA LEU B 324 -9.96 19.75 17.01
C LEU B 324 -10.14 20.00 15.53
N TYR B 325 -10.74 21.12 15.18
CA TYR B 325 -11.02 21.47 13.78
C TYR B 325 -10.72 22.91 13.49
N LYS B 326 -9.91 23.11 12.46
CA LYS B 326 -9.43 24.44 12.01
C LYS B 326 -9.00 25.30 13.22
N ASP B 327 -8.16 24.71 14.08
CA ASP B 327 -7.63 25.31 15.32
C ASP B 327 -8.65 25.59 16.45
N ARG B 328 -9.91 25.22 16.25
CA ARG B 328 -10.94 25.44 17.26
C ARG B 328 -11.30 24.15 18.01
N ASN B 329 -11.48 24.21 19.33
CA ASN B 329 -11.89 23.03 20.11
C ASN B 329 -13.38 22.82 20.15
N LEU B 330 -13.81 21.61 19.91
CA LEU B 330 -15.22 21.28 19.94
C LEU B 330 -15.48 20.19 20.94
N HIS B 331 -16.24 20.54 21.97
CA HIS B 331 -16.63 19.57 22.97
C HIS B 331 -17.88 18.82 22.50
N ILE B 332 -17.79 17.50 22.56
CA ILE B 332 -18.87 16.66 22.13
C ILE B 332 -19.36 16.13 23.49
N PRO B 333 -20.64 16.36 23.82
CA PRO B 333 -21.20 15.92 25.10
C PRO B 333 -21.53 14.44 25.28
N THR B 334 -20.82 13.59 24.54
CA THR B 334 -21.04 12.14 24.59
C THR B 334 -21.09 11.51 26.00
N MET B 335 -20.04 11.78 26.78
CA MET B 335 -19.92 11.26 28.15
C MET B 335 -20.96 11.86 29.09
N GLU B 336 -21.23 13.17 28.95
CA GLU B 336 -22.24 13.85 29.75
C GLU B 336 -23.66 13.32 29.47
N ASN B 337 -23.82 12.60 28.36
CA ASN B 337 -25.13 12.04 27.97
C ASN B 337 -25.27 10.52 28.26
N GLY B 338 -24.42 10.07 29.20
CA GLY B 338 -24.43 8.69 29.67
C GLY B 338 -23.09 7.99 29.60
N PRO B 339 -22.57 7.60 28.43
CA PRO B 339 -23.15 7.72 27.08
C PRO B 339 -24.25 6.66 26.93
N GLU B 340 -25.50 7.08 26.97
CA GLU B 340 -26.62 6.13 26.93
C GLU B 340 -26.70 5.08 25.80
N LEU B 341 -26.66 5.51 24.53
CA LEU B 341 -26.73 4.58 23.39
C LEU B 341 -25.52 3.65 23.31
N ILE B 342 -24.34 4.20 23.60
CA ILE B 342 -23.10 3.45 23.58
C ILE B 342 -23.16 2.33 24.60
N LEU B 343 -23.53 2.68 25.84
CA LEU B 343 -23.62 1.66 26.87
C LEU B 343 -24.64 0.57 26.47
N ARG B 344 -25.72 0.97 25.80
CA ARG B 344 -26.74 0.01 25.36
C ARG B 344 -26.19 -0.97 24.30
N PHE B 345 -25.44 -0.43 23.34
CA PHE B 345 -24.85 -1.22 22.27
C PHE B 345 -23.88 -2.20 22.85
N GLN B 346 -23.08 -1.70 23.80
CA GLN B 346 -22.11 -2.51 24.49
C GLN B 346 -22.67 -3.67 25.24
N LYS B 347 -23.78 -3.41 25.92
CA LYS B 347 -24.49 -4.43 26.67
C LYS B 347 -25.05 -5.52 25.74
N GLU B 348 -25.76 -5.13 24.68
CA GLU B 348 -26.32 -6.12 23.78
C GLU B 348 -25.32 -6.95 22.97
N LEU B 349 -24.18 -6.35 22.63
CA LEU B 349 -23.15 -7.07 21.89
C LEU B 349 -22.54 -8.13 22.78
N LYS B 350 -22.24 -7.75 24.03
CA LYS B 350 -21.64 -8.64 25.02
C LYS B 350 -22.53 -9.82 25.27
N GLU B 351 -23.84 -9.59 25.26
CA GLU B 351 -24.79 -10.67 25.49
C GLU B 351 -24.80 -11.68 24.36
N ILE B 352 -24.70 -11.19 23.14
CA ILE B 352 -24.67 -12.03 21.96
C ILE B 352 -23.32 -12.70 21.80
N GLN B 353 -22.25 -11.95 22.08
CA GLN B 353 -20.89 -12.43 21.94
C GLN B 353 -20.48 -13.50 22.89
N TYR B 354 -20.93 -13.35 24.14
CA TYR B 354 -20.53 -14.31 25.17
C TYR B 354 -21.55 -15.40 25.40
N GLY B 355 -22.44 -15.57 24.44
CA GLY B 355 -23.46 -16.60 24.52
C GLY B 355 -24.52 -16.57 25.62
N ILE B 356 -24.67 -15.43 26.31
CA ILE B 356 -25.67 -15.22 27.37
C ILE B 356 -27.06 -15.34 26.74
N ARG B 357 -27.17 -14.88 25.50
CA ARG B 357 -28.41 -14.90 24.72
C ARG B 357 -28.07 -15.55 23.39
N ALA B 358 -28.90 -16.51 22.95
CA ALA B 358 -28.67 -17.20 21.69
C ALA B 358 -29.05 -16.29 20.50
N HIS B 359 -28.22 -16.31 19.46
CA HIS B 359 -28.44 -15.46 18.27
C HIS B 359 -27.75 -16.14 17.05
N GLU B 360 -28.27 -15.94 15.83
CA GLU B 360 -27.69 -16.58 14.66
C GLU B 360 -26.41 -15.94 14.12
N TRP B 361 -26.04 -14.84 14.77
CA TRP B 361 -24.82 -14.12 14.43
C TRP B 361 -23.59 -14.84 14.93
N MET B 362 -23.72 -15.72 15.91
CA MET B 362 -22.56 -16.42 16.42
C MET B 362 -22.32 -17.75 15.74
N PHE B 363 -21.07 -17.98 15.36
CA PHE B 363 -20.69 -19.22 14.72
C PHE B 363 -19.94 -20.02 15.76
N PRO B 364 -20.43 -21.23 16.12
CA PRO B 364 -19.72 -22.01 17.13
C PRO B 364 -18.51 -22.79 16.63
N VAL B 365 -17.45 -22.81 17.45
CA VAL B 365 -16.25 -23.54 17.13
C VAL B 365 -16.36 -24.97 17.69
N1 PLP C . 6.25 7.42 -12.27
C2 PLP C . 6.06 6.51 -11.26
C2A PLP C . 4.63 6.30 -10.74
C3 PLP C . 7.16 5.84 -10.74
O3 PLP C . 6.98 4.97 -9.76
C4 PLP C . 8.46 6.07 -11.23
C4A PLP C . 9.68 5.33 -10.62
C5 PLP C . 8.59 7.00 -12.28
C6 PLP C . 7.47 7.65 -12.77
C5A PLP C . 9.85 7.31 -12.94
O4P PLP C . 10.89 7.73 -12.14
P PLP C . 12.31 7.45 -12.64
O1P PLP C . 12.60 6.03 -12.74
O2P PLP C . 13.17 8.02 -11.49
O3P PLP C . 12.49 8.37 -13.80
C ACY D . 8.49 0.93 -12.60
O ACY D . 9.74 0.88 -12.24
OXT ACY D . 8.01 1.13 -13.82
CH3 ACY D . 7.53 0.75 -11.42
N1 PLP E . -12.61 1.18 9.13
C2 PLP E . -11.43 0.76 8.62
C2A PLP E . -10.60 1.76 7.82
C3 PLP E . -11.01 -0.55 8.85
O3 PLP E . -9.87 -0.94 8.35
C4 PLP E . -11.81 -1.44 9.57
C4A PLP E . -11.35 -2.92 9.80
C5 PLP E . -13.03 -0.94 10.09
C6 PLP E . -13.40 0.37 9.85
C5A PLP E . -13.96 -1.75 10.94
O4P PLP E . -14.40 -2.95 10.41
P PLP E . -14.89 -4.03 11.37
O1P PLP E . -13.80 -4.57 12.14
O2P PLP E . -15.34 -5.13 10.42
O3P PLP E . -16.10 -3.53 12.03
C1 COI F . -10.57 -2.15 14.15
O1 COI F . -10.88 -3.37 14.25
O2 COI F . -11.38 -1.30 14.53
C2 COI F . -9.12 -1.67 13.66
O3 COI F . -8.70 -0.50 13.96
C3 COI F . -8.28 -2.62 12.81
C4 COI F . -6.75 -2.40 12.94
C5 COI F . -6.08 -3.74 13.22
C6 COI F . -6.20 -1.78 11.66
#